data_1UNC
#
_entry.id   1UNC
#
_cell.length_a   1.000
_cell.length_b   1.000
_cell.length_c   1.000
_cell.angle_alpha   90.00
_cell.angle_beta   90.00
_cell.angle_gamma   90.00
#
_symmetry.space_group_name_H-M   'P 1'
#
_entity_poly.entity_id   1
_entity_poly.type   'polypeptide(L)'
_entity_poly.pdbx_seq_one_letter_code
;(ACE)LSIEDFTQAFGMTPAAFSALPRWKQQNLKKEKGLF
;
_entity_poly.pdbx_strand_id   A
#
# COMPACT_ATOMS: atom_id res chain seq x y z
N LEU A 2 -4.58 8.07 -4.59
CA LEU A 2 -4.21 6.68 -4.44
C LEU A 2 -5.25 5.80 -5.14
N SER A 3 -5.08 5.61 -6.44
CA SER A 3 -5.83 4.63 -7.21
C SER A 3 -5.15 3.27 -7.05
N ILE A 4 -5.80 2.19 -7.52
CA ILE A 4 -5.21 0.86 -7.54
C ILE A 4 -3.91 0.90 -8.35
N GLU A 5 -3.91 1.65 -9.46
CA GLU A 5 -2.75 1.79 -10.33
C GLU A 5 -1.63 2.53 -9.62
N ASP A 6 -1.95 3.65 -8.96
CA ASP A 6 -0.98 4.40 -8.18
C ASP A 6 -0.37 3.55 -7.07
N PHE A 7 -1.22 2.76 -6.39
CA PHE A 7 -0.77 1.88 -5.33
C PHE A 7 0.28 0.90 -5.84
N THR A 8 -0.08 0.09 -6.85
CA THR A 8 0.76 -0.97 -7.39
C THR A 8 2.09 -0.41 -7.88
N GLN A 9 2.08 0.67 -8.67
CA GLN A 9 3.31 1.21 -9.24
C GLN A 9 4.20 1.84 -8.16
N ALA A 10 3.63 2.42 -7.11
CA ALA A 10 4.36 3.10 -6.05
C ALA A 10 4.76 2.12 -4.94
N PHE A 11 5.11 0.89 -5.28
CA PHE A 11 5.42 -0.14 -4.30
C PHE A 11 6.04 -1.35 -5.01
N GLY A 12 5.35 -1.83 -6.04
CA GLY A 12 5.69 -3.04 -6.77
C GLY A 12 4.99 -4.28 -6.20
N MET A 13 3.81 -4.11 -5.59
CA MET A 13 3.06 -5.21 -4.98
C MET A 13 1.57 -5.09 -5.28
N THR A 14 0.86 -6.22 -5.20
CA THR A 14 -0.60 -6.28 -5.31
C THR A 14 -1.28 -5.68 -4.07
N PRO A 15 -2.44 -5.02 -4.27
CA PRO A 15 -3.27 -4.55 -3.18
C PRO A 15 -3.90 -5.72 -2.43
N ALA A 16 -3.97 -6.93 -3.03
CA ALA A 16 -4.47 -8.10 -2.32
C ALA A 16 -3.46 -8.54 -1.26
N ALA A 17 -2.19 -8.64 -1.64
CA ALA A 17 -1.09 -8.91 -0.72
C ALA A 17 -1.04 -7.85 0.38
N PHE A 18 -1.22 -6.58 0.00
CA PHE A 18 -1.28 -5.47 0.93
C PHE A 18 -2.41 -5.67 1.94
N SER A 19 -3.62 -5.98 1.43
CA SER A 19 -4.84 -6.10 2.19
C SER A 19 -4.74 -7.18 3.27
N ALA A 20 -4.02 -8.27 2.95
CA ALA A 20 -3.81 -9.40 3.86
C ALA A 20 -3.15 -8.99 5.18
N LEU A 21 -2.33 -7.92 5.19
CA LEU A 21 -1.69 -7.47 6.43
C LEU A 21 -2.74 -6.80 7.33
N PRO A 22 -2.50 -6.70 8.65
CA PRO A 22 -3.33 -5.87 9.51
C PRO A 22 -3.36 -4.44 8.99
N ARG A 23 -4.55 -3.84 9.01
CA ARG A 23 -4.84 -2.55 8.39
C ARG A 23 -3.91 -1.44 8.89
N TRP A 24 -3.52 -1.47 10.17
CA TRP A 24 -2.62 -0.46 10.72
C TRP A 24 -1.27 -0.50 10.00
N LYS A 25 -0.72 -1.71 9.83
CA LYS A 25 0.62 -1.93 9.30
C LYS A 25 0.66 -1.49 7.85
N GLN A 26 -0.23 -2.11 7.08
CA GLN A 26 -0.58 -1.83 5.70
C GLN A 26 -0.51 -0.32 5.41
N GLN A 27 -1.29 0.48 6.14
CA GLN A 27 -1.36 1.91 5.85
C GLN A 27 -0.08 2.62 6.31
N ASN A 28 0.52 2.18 7.42
CA ASN A 28 1.81 2.66 7.88
C ASN A 28 2.91 2.42 6.83
N LEU A 29 2.85 1.34 6.04
CA LEU A 29 3.83 1.10 4.97
C LEU A 29 3.86 2.28 3.99
N LYS A 30 2.67 2.71 3.58
CA LYS A 30 2.46 3.74 2.57
C LYS A 30 2.74 5.13 3.16
N LYS A 31 2.37 5.33 4.43
CA LYS A 31 2.52 6.60 5.13
C LYS A 31 3.98 6.87 5.53
N GLU A 32 4.69 5.87 6.04
CA GLU A 32 6.10 6.02 6.39
C GLU A 32 6.95 6.28 5.13
N LYS A 33 6.53 5.68 4.00
CA LYS A 33 7.11 5.94 2.68
C LYS A 33 6.70 7.31 2.12
N GLY A 34 5.79 8.03 2.78
CA GLY A 34 5.42 9.39 2.40
C GLY A 34 4.58 9.45 1.12
N LEU A 35 3.99 8.33 0.71
CA LEU A 35 3.22 8.25 -0.53
C LEU A 35 1.86 8.89 -0.32
N PHE A 36 1.04 8.26 0.53
CA PHE A 36 -0.29 8.71 0.92
C PHE A 36 -0.59 8.23 2.35
N LEU A 2 -4.85 8.62 -3.25
CA LEU A 2 -4.46 7.23 -3.40
C LEU A 2 -5.29 6.57 -4.49
N SER A 3 -4.63 6.15 -5.57
CA SER A 3 -5.21 5.32 -6.62
C SER A 3 -4.72 3.88 -6.44
N ILE A 4 -5.50 2.90 -6.92
CA ILE A 4 -5.09 1.51 -7.00
C ILE A 4 -3.78 1.42 -7.78
N GLU A 5 -3.60 2.28 -8.78
CA GLU A 5 -2.40 2.35 -9.60
C GLU A 5 -1.18 2.71 -8.76
N ASP A 6 -1.27 3.74 -7.90
CA ASP A 6 -0.22 4.08 -6.97
C ASP A 6 0.06 2.90 -6.03
N PHE A 7 -1.00 2.29 -5.48
CA PHE A 7 -0.92 1.20 -4.52
C PHE A 7 -0.13 0.00 -5.06
N THR A 8 -0.13 -0.21 -6.38
CA THR A 8 0.60 -1.26 -7.06
C THR A 8 1.97 -0.81 -7.57
N GLN A 9 2.04 0.33 -8.25
CA GLN A 9 3.24 0.76 -8.97
C GLN A 9 4.29 1.36 -8.02
N ALA A 10 3.86 2.17 -7.04
CA ALA A 10 4.75 2.78 -6.05
C ALA A 10 4.97 1.80 -4.90
N PHE A 11 5.12 0.50 -5.20
CA PHE A 11 5.10 -0.53 -4.18
C PHE A 11 5.66 -1.84 -4.73
N GLY A 12 5.19 -2.22 -5.92
CA GLY A 12 5.58 -3.47 -6.57
C GLY A 12 4.86 -4.68 -5.97
N MET A 13 3.66 -4.49 -5.41
CA MET A 13 2.84 -5.59 -4.90
C MET A 13 1.36 -5.38 -5.23
N THR A 14 0.66 -6.49 -5.49
CA THR A 14 -0.78 -6.54 -5.72
C THR A 14 -1.53 -5.94 -4.55
N PRO A 15 -2.74 -5.39 -4.77
CA PRO A 15 -3.62 -5.04 -3.67
C PRO A 15 -3.96 -6.29 -2.86
N ALA A 16 -3.85 -7.50 -3.44
CA ALA A 16 -4.35 -8.71 -2.78
C ALA A 16 -3.44 -9.09 -1.62
N ALA A 17 -2.16 -9.37 -1.92
CA ALA A 17 -1.15 -9.67 -0.92
C ALA A 17 -1.00 -8.52 0.07
N PHE A 18 -1.06 -7.28 -0.41
CA PHE A 18 -0.95 -6.10 0.41
C PHE A 18 -2.12 -6.03 1.42
N SER A 19 -3.34 -6.27 0.95
CA SER A 19 -4.56 -6.25 1.76
C SER A 19 -4.52 -7.29 2.89
N ALA A 20 -3.80 -8.39 2.70
CA ALA A 20 -3.69 -9.46 3.67
C ALA A 20 -3.04 -8.99 4.98
N LEU A 21 -2.25 -7.91 4.98
CA LEU A 21 -1.64 -7.43 6.22
C LEU A 21 -2.71 -6.79 7.12
N PRO A 22 -2.48 -6.66 8.44
CA PRO A 22 -3.33 -5.86 9.29
C PRO A 22 -3.38 -4.43 8.76
N ARG A 23 -4.59 -3.85 8.75
CA ARG A 23 -4.88 -2.56 8.15
C ARG A 23 -3.91 -1.47 8.63
N TRP A 24 -3.55 -1.47 9.91
CA TRP A 24 -2.68 -0.45 10.48
C TRP A 24 -1.32 -0.46 9.80
N LYS A 25 -0.73 -1.66 9.67
CA LYS A 25 0.61 -1.83 9.12
C LYS A 25 0.61 -1.41 7.66
N GLN A 26 -0.42 -1.86 6.96
CA GLN A 26 -0.69 -1.58 5.57
C GLN A 26 -0.59 -0.08 5.28
N GLN A 27 -1.32 0.71 6.09
CA GLN A 27 -1.37 2.16 6.01
C GLN A 27 0.00 2.74 6.34
N ASN A 28 0.64 2.22 7.40
CA ASN A 28 1.95 2.61 7.85
C ASN A 28 3.01 2.45 6.75
N LEU A 29 2.86 1.48 5.81
CA LEU A 29 3.81 1.34 4.71
C LEU A 29 3.78 2.61 3.86
N LYS A 30 2.58 2.92 3.37
CA LYS A 30 2.26 4.01 2.46
C LYS A 30 2.58 5.37 3.08
N LYS A 31 2.30 5.51 4.38
CA LYS A 31 2.51 6.74 5.14
C LYS A 31 3.99 6.99 5.41
N GLU A 32 4.74 5.97 5.86
CA GLU A 32 6.19 6.08 6.02
C GLU A 32 6.84 6.45 4.69
N LYS A 33 6.42 5.79 3.60
CA LYS A 33 6.88 6.07 2.26
C LYS A 33 6.43 7.45 1.74
N GLY A 34 5.46 8.08 2.41
CA GLY A 34 5.06 9.45 2.10
C GLY A 34 4.25 9.57 0.81
N LEU A 35 3.69 8.46 0.32
CA LEU A 35 2.93 8.43 -0.92
C LEU A 35 1.58 9.13 -0.70
N PHE A 36 0.69 8.46 0.03
CA PHE A 36 -0.60 8.98 0.45
C PHE A 36 -0.99 8.40 1.82
N LEU A 2 -4.02 7.97 -4.32
CA LEU A 2 -3.74 6.55 -4.32
C LEU A 2 -4.85 5.84 -5.08
N SER A 3 -4.57 5.48 -6.34
CA SER A 3 -5.38 4.59 -7.16
C SER A 3 -4.81 3.18 -7.07
N ILE A 4 -5.55 2.19 -7.58
CA ILE A 4 -5.08 0.81 -7.68
C ILE A 4 -3.77 0.78 -8.48
N GLU A 5 -3.70 1.59 -9.55
CA GLU A 5 -2.52 1.69 -10.41
C GLU A 5 -1.35 2.30 -9.64
N ASP A 6 -1.59 3.39 -8.90
CA ASP A 6 -0.56 3.98 -8.07
C ASP A 6 -0.04 2.96 -7.04
N PHE A 7 -0.94 2.12 -6.51
CA PHE A 7 -0.59 1.08 -5.55
C PHE A 7 0.47 0.15 -6.12
N THR A 8 0.19 -0.49 -7.26
CA THR A 8 1.11 -1.40 -7.91
C THR A 8 2.40 -0.68 -8.31
N GLN A 9 2.26 0.47 -8.98
CA GLN A 9 3.37 1.19 -9.60
C GLN A 9 4.31 1.80 -8.55
N ALA A 10 3.79 2.71 -7.73
CA ALA A 10 4.59 3.50 -6.79
C ALA A 10 5.13 2.63 -5.66
N PHE A 11 4.40 1.58 -5.28
CA PHE A 11 4.82 0.69 -4.20
C PHE A 11 5.74 -0.39 -4.74
N GLY A 12 5.30 -1.05 -5.83
CA GLY A 12 5.98 -2.21 -6.39
C GLY A 12 5.43 -3.52 -5.82
N MET A 13 4.16 -3.53 -5.37
CA MET A 13 3.49 -4.74 -4.91
C MET A 13 1.98 -4.62 -5.10
N THR A 14 1.33 -5.76 -5.32
CA THR A 14 -0.12 -5.86 -5.46
C THR A 14 -0.81 -5.37 -4.19
N PRO A 15 -1.99 -4.75 -4.32
CA PRO A 15 -2.84 -4.47 -3.19
C PRO A 15 -3.34 -5.79 -2.56
N ALA A 16 -3.18 -6.94 -3.24
CA ALA A 16 -3.67 -8.22 -2.73
C ALA A 16 -2.74 -8.73 -1.61
N ALA A 17 -1.44 -8.75 -1.88
CA ALA A 17 -0.43 -9.05 -0.87
C ALA A 17 -0.52 -8.04 0.28
N PHE A 18 -0.70 -6.77 -0.08
CA PHE A 18 -0.80 -5.67 0.85
C PHE A 18 -1.96 -5.85 1.84
N SER A 19 -3.14 -6.18 1.30
CA SER A 19 -4.41 -6.23 2.03
C SER A 19 -4.39 -7.30 3.12
N ALA A 20 -3.63 -8.37 2.91
CA ALA A 20 -3.49 -9.48 3.85
C ALA A 20 -2.93 -9.03 5.20
N LEU A 21 -2.13 -7.96 5.26
CA LEU A 21 -1.53 -7.51 6.51
C LEU A 21 -2.58 -6.89 7.43
N PRO A 22 -2.34 -6.78 8.75
CA PRO A 22 -3.17 -5.99 9.63
C PRO A 22 -3.20 -4.54 9.14
N ARG A 23 -4.40 -3.95 9.18
CA ARG A 23 -4.72 -2.65 8.60
C ARG A 23 -3.76 -1.55 9.08
N TRP A 24 -3.35 -1.61 10.35
CA TRP A 24 -2.46 -0.59 10.91
C TRP A 24 -1.11 -0.62 10.18
N LYS A 25 -0.55 -1.83 10.00
CA LYS A 25 0.77 -2.04 9.47
C LYS A 25 0.79 -1.62 8.01
N GLN A 26 -0.13 -2.20 7.26
CA GLN A 26 -0.48 -1.92 5.89
C GLN A 26 -0.34 -0.43 5.57
N GLN A 27 -1.06 0.43 6.30
CA GLN A 27 -1.09 1.85 6.03
C GLN A 27 0.21 2.52 6.49
N ASN A 28 0.76 2.07 7.63
CA ASN A 28 2.07 2.48 8.13
C ASN A 28 3.17 2.27 7.08
N LEU A 29 3.11 1.21 6.26
CA LEU A 29 4.07 1.01 5.17
C LEU A 29 4.06 2.21 4.23
N LYS A 30 2.86 2.51 3.70
CA LYS A 30 2.61 3.52 2.69
C LYS A 30 2.93 4.92 3.19
N LYS A 31 2.61 5.16 4.48
CA LYS A 31 2.85 6.40 5.17
C LYS A 31 4.34 6.63 5.41
N GLU A 32 5.05 5.63 5.96
CA GLU A 32 6.48 5.71 6.21
C GLU A 32 7.28 5.91 4.93
N LYS A 33 6.89 5.22 3.84
CA LYS A 33 7.52 5.41 2.54
C LYS A 33 7.28 6.82 2.00
N GLY A 34 6.20 7.49 2.45
CA GLY A 34 5.83 8.81 1.95
C GLY A 34 5.09 8.70 0.62
N LEU A 35 4.57 7.52 0.29
CA LEU A 35 3.87 7.25 -0.96
C LEU A 35 2.52 7.96 -0.93
N PHE A 36 1.67 7.60 0.05
CA PHE A 36 0.43 8.30 0.33
C PHE A 36 0.00 8.04 1.78
N LEU A 2 -4.53 6.53 -2.64
CA LEU A 2 -4.00 6.99 -3.93
C LEU A 2 -4.40 6.05 -5.07
N SER A 3 -5.48 5.28 -4.90
CA SER A 3 -6.01 4.31 -5.86
C SER A 3 -5.05 3.15 -6.16
N ILE A 4 -5.59 2.09 -6.75
CA ILE A 4 -4.87 0.87 -7.08
C ILE A 4 -3.74 1.18 -8.06
N GLU A 5 -3.95 2.14 -8.97
CA GLU A 5 -3.01 2.49 -10.01
C GLU A 5 -1.70 3.03 -9.44
N ASP A 6 -1.77 4.11 -8.66
CA ASP A 6 -0.56 4.69 -8.10
C ASP A 6 0.08 3.72 -7.10
N PHE A 7 -0.76 2.94 -6.39
CA PHE A 7 -0.29 1.94 -5.42
C PHE A 7 0.67 0.95 -6.09
N THR A 8 0.20 0.23 -7.12
CA THR A 8 0.94 -0.84 -7.75
C THR A 8 2.28 -0.34 -8.30
N GLN A 9 2.28 0.79 -9.01
CA GLN A 9 3.48 1.42 -9.53
C GLN A 9 4.43 1.86 -8.40
N ALA A 10 3.89 2.41 -7.30
CA ALA A 10 4.69 2.92 -6.20
C ALA A 10 5.36 1.80 -5.39
N PHE A 11 4.69 0.66 -5.23
CA PHE A 11 5.11 -0.39 -4.31
C PHE A 11 5.78 -1.55 -5.06
N GLY A 12 5.26 -1.91 -6.23
CA GLY A 12 5.66 -3.10 -6.94
C GLY A 12 5.13 -4.37 -6.25
N MET A 13 4.03 -4.23 -5.51
CA MET A 13 3.32 -5.34 -4.88
C MET A 13 1.90 -5.39 -5.42
N THR A 14 1.27 -6.56 -5.27
CA THR A 14 -0.13 -6.79 -5.51
C THR A 14 -0.97 -6.19 -4.38
N PRO A 15 -2.13 -5.59 -4.71
CA PRO A 15 -3.12 -5.20 -3.73
C PRO A 15 -3.54 -6.38 -2.84
N ALA A 16 -3.50 -7.61 -3.38
CA ALA A 16 -3.94 -8.78 -2.61
C ALA A 16 -2.95 -9.11 -1.49
N ALA A 17 -1.65 -9.09 -1.80
CA ALA A 17 -0.60 -9.26 -0.81
C ALA A 17 -0.67 -8.14 0.23
N PHE A 18 -0.81 -6.90 -0.24
CA PHE A 18 -0.84 -5.73 0.63
C PHE A 18 -2.02 -5.78 1.59
N SER A 19 -3.20 -6.14 1.07
CA SER A 19 -4.47 -6.12 1.79
C SER A 19 -4.49 -7.13 2.94
N ALA A 20 -3.77 -8.26 2.78
CA ALA A 20 -3.68 -9.32 3.75
C ALA A 20 -3.11 -8.86 5.10
N LEU A 21 -2.26 -7.81 5.11
CA LEU A 21 -1.68 -7.32 6.35
C LEU A 21 -2.75 -6.65 7.22
N PRO A 22 -2.54 -6.52 8.55
CA PRO A 22 -3.39 -5.69 9.37
C PRO A 22 -3.40 -4.26 8.83
N ARG A 23 -4.59 -3.64 8.82
CA ARG A 23 -4.86 -2.36 8.21
C ARG A 23 -3.91 -1.27 8.70
N TRP A 24 -3.56 -1.28 10.00
CA TRP A 24 -2.67 -0.28 10.56
C TRP A 24 -1.30 -0.33 9.88
N LYS A 25 -0.76 -1.55 9.73
CA LYS A 25 0.59 -1.78 9.23
C LYS A 25 0.64 -1.35 7.77
N GLN A 26 -0.23 -1.97 6.98
CA GLN A 26 -0.53 -1.71 5.59
C GLN A 26 -0.43 -0.22 5.25
N GLN A 27 -1.20 0.62 5.96
CA GLN A 27 -1.26 2.04 5.67
C GLN A 27 0.01 2.74 6.16
N ASN A 28 0.58 2.30 7.29
CA ASN A 28 1.85 2.77 7.79
C ASN A 28 2.99 2.53 6.80
N LEU A 29 2.96 1.44 6.01
CA LEU A 29 3.96 1.20 4.97
C LEU A 29 4.00 2.38 4.00
N LYS A 30 2.82 2.72 3.47
CA LYS A 30 2.58 3.73 2.46
C LYS A 30 2.86 5.13 3.00
N LYS A 31 2.55 5.37 4.27
CA LYS A 31 2.78 6.63 4.98
C LYS A 31 4.26 6.83 5.30
N GLU A 32 4.97 5.79 5.76
CA GLU A 32 6.42 5.82 5.99
C GLU A 32 7.14 6.15 4.68
N LYS A 33 6.74 5.51 3.59
CA LYS A 33 7.23 5.80 2.25
C LYS A 33 6.85 7.21 1.77
N GLY A 34 5.86 7.85 2.39
CA GLY A 34 5.46 9.21 2.08
C GLY A 34 4.60 9.30 0.83
N LEU A 35 4.01 8.18 0.39
CA LEU A 35 3.20 8.10 -0.81
C LEU A 35 1.84 8.73 -0.54
N PHE A 36 1.13 8.20 0.47
CA PHE A 36 -0.17 8.68 0.90
C PHE A 36 -0.40 8.20 2.34
N LEU A 2 -4.35 8.64 -4.84
CA LEU A 2 -3.87 7.28 -4.66
C LEU A 2 -4.98 6.30 -5.03
N SER A 3 -5.12 6.03 -6.33
CA SER A 3 -5.96 4.98 -6.87
C SER A 3 -5.25 3.63 -6.73
N ILE A 4 -5.94 2.54 -7.07
CA ILE A 4 -5.38 1.21 -7.12
C ILE A 4 -4.18 1.18 -8.09
N GLU A 5 -4.27 1.93 -9.20
CA GLU A 5 -3.21 2.01 -10.19
C GLU A 5 -1.99 2.72 -9.60
N ASP A 6 -2.20 3.88 -8.98
CA ASP A 6 -1.12 4.61 -8.32
C ASP A 6 -0.47 3.75 -7.25
N PHE A 7 -1.27 2.99 -6.49
CA PHE A 7 -0.78 2.08 -5.46
C PHE A 7 0.20 1.06 -6.06
N THR A 8 -0.25 0.27 -7.04
CA THR A 8 0.54 -0.78 -7.65
C THR A 8 1.84 -0.25 -8.24
N GLN A 9 1.77 0.88 -8.95
CA GLN A 9 2.95 1.51 -9.53
C GLN A 9 3.93 1.99 -8.45
N ALA A 10 3.41 2.64 -7.40
CA ALA A 10 4.24 3.24 -6.36
C ALA A 10 4.93 2.17 -5.49
N PHE A 11 4.25 1.05 -5.23
CA PHE A 11 4.74 0.01 -4.33
C PHE A 11 5.47 -1.10 -5.06
N GLY A 12 4.95 -1.51 -6.22
CA GLY A 12 5.42 -2.71 -6.91
C GLY A 12 4.85 -3.97 -6.23
N MET A 13 3.69 -3.83 -5.58
CA MET A 13 2.96 -4.88 -4.88
C MET A 13 1.47 -4.73 -5.16
N THR A 14 0.74 -5.80 -4.90
CA THR A 14 -0.70 -5.89 -5.08
C THR A 14 -1.45 -5.39 -3.85
N PRO A 15 -2.61 -4.74 -4.04
CA PRO A 15 -3.50 -4.37 -2.96
C PRO A 15 -4.06 -5.62 -2.26
N ALA A 16 -4.05 -6.78 -2.92
CA ALA A 16 -4.48 -8.03 -2.28
C ALA A 16 -3.43 -8.48 -1.24
N ALA A 17 -2.15 -8.48 -1.64
CA ALA A 17 -1.04 -8.72 -0.72
C ALA A 17 -1.10 -7.74 0.46
N PHE A 18 -1.40 -6.48 0.16
CA PHE A 18 -1.53 -5.44 1.16
C PHE A 18 -2.67 -5.78 2.14
N SER A 19 -3.84 -6.16 1.61
CA SER A 19 -5.05 -6.44 2.37
C SER A 19 -4.86 -7.59 3.36
N ALA A 20 -3.97 -8.54 3.04
CA ALA A 20 -3.64 -9.65 3.92
C ALA A 20 -3.12 -9.18 5.28
N LEU A 21 -2.43 -8.04 5.34
CA LEU A 21 -1.91 -7.50 6.60
C LEU A 21 -3.05 -6.80 7.36
N PRO A 22 -2.95 -6.65 8.70
CA PRO A 22 -3.86 -5.80 9.44
C PRO A 22 -3.84 -4.38 8.88
N ARG A 23 -5.03 -3.77 8.80
CA ARG A 23 -5.27 -2.50 8.13
C ARG A 23 -4.39 -1.37 8.68
N TRP A 24 -4.10 -1.38 9.98
CA TRP A 24 -3.25 -0.35 10.57
C TRP A 24 -1.84 -0.39 9.98
N LYS A 25 -1.27 -1.60 9.90
CA LYS A 25 0.11 -1.81 9.49
C LYS A 25 0.27 -1.42 8.03
N GLN A 26 -0.56 -2.07 7.21
CA GLN A 26 -0.82 -1.81 5.82
C GLN A 26 -0.77 -0.31 5.52
N GLN A 27 -1.60 0.49 6.21
CA GLN A 27 -1.71 1.90 5.94
C GLN A 27 -0.41 2.60 6.34
N ASN A 28 0.15 2.24 7.50
CA ASN A 28 1.42 2.74 7.99
C ASN A 28 2.56 2.49 6.99
N LEU A 29 2.57 1.36 6.26
CA LEU A 29 3.57 1.12 5.22
C LEU A 29 3.51 2.26 4.19
N LYS A 30 2.32 2.45 3.62
CA LYS A 30 2.02 3.43 2.58
C LYS A 30 2.33 4.86 3.04
N LYS A 31 2.00 5.17 4.29
CA LYS A 31 2.15 6.48 4.89
C LYS A 31 3.63 6.79 5.18
N GLU A 32 4.36 5.86 5.79
CA GLU A 32 5.79 6.00 6.04
C GLU A 32 6.56 6.11 4.72
N LYS A 33 6.16 5.34 3.69
CA LYS A 33 6.79 5.38 2.38
C LYS A 33 6.61 6.74 1.71
N GLY A 34 5.47 7.40 1.94
CA GLY A 34 5.16 8.74 1.43
C GLY A 34 4.17 8.70 0.27
N LEU A 35 3.47 7.57 0.08
CA LEU A 35 2.37 7.44 -0.87
C LEU A 35 1.11 8.06 -0.23
N PHE A 36 0.85 7.62 1.00
CA PHE A 36 -0.18 8.09 1.93
C PHE A 36 -1.55 7.47 1.65
N LEU A 2 -4.33 8.26 -4.47
CA LEU A 2 -3.68 7.05 -4.94
C LEU A 2 -4.74 6.08 -5.48
N SER A 3 -4.65 5.77 -6.78
CA SER A 3 -5.47 4.75 -7.42
C SER A 3 -4.86 3.37 -7.18
N ILE A 4 -5.64 2.31 -7.45
CA ILE A 4 -5.20 0.93 -7.34
C ILE A 4 -3.98 0.69 -8.24
N GLU A 5 -3.94 1.34 -9.40
CA GLU A 5 -2.82 1.22 -10.34
C GLU A 5 -1.60 1.95 -9.80
N ASP A 6 -1.80 3.18 -9.29
CA ASP A 6 -0.72 3.95 -8.66
C ASP A 6 -0.13 3.18 -7.47
N PHE A 7 -0.96 2.38 -6.79
CA PHE A 7 -0.53 1.46 -5.73
C PHE A 7 0.60 0.57 -6.22
N THR A 8 0.34 -0.26 -7.24
CA THR A 8 1.28 -1.19 -7.82
C THR A 8 2.51 -0.46 -8.38
N GLN A 9 2.31 0.69 -9.03
CA GLN A 9 3.40 1.48 -9.58
C GLN A 9 4.34 2.00 -8.48
N ALA A 10 3.77 2.52 -7.39
CA ALA A 10 4.54 3.17 -6.33
C ALA A 10 5.32 2.14 -5.52
N PHE A 11 4.74 0.96 -5.28
CA PHE A 11 5.27 -0.02 -4.33
C PHE A 11 5.96 -1.17 -5.06
N GLY A 12 5.34 -1.69 -6.11
CA GLY A 12 5.76 -2.92 -6.77
C GLY A 12 5.09 -4.15 -6.15
N MET A 13 3.90 -4.00 -5.56
CA MET A 13 3.11 -5.11 -5.03
C MET A 13 1.62 -4.83 -5.21
N THR A 14 0.85 -5.91 -5.35
CA THR A 14 -0.60 -5.86 -5.48
C THR A 14 -1.24 -5.21 -4.25
N PRO A 15 -2.38 -4.52 -4.41
CA PRO A 15 -3.17 -4.08 -3.29
C PRO A 15 -3.74 -5.30 -2.54
N ALA A 16 -3.69 -6.51 -3.10
CA ALA A 16 -4.27 -7.70 -2.47
C ALA A 16 -3.38 -8.16 -1.32
N ALA A 17 -2.10 -8.42 -1.64
CA ALA A 17 -1.08 -8.74 -0.64
C ALA A 17 -0.99 -7.63 0.40
N PHE A 18 -1.10 -6.37 -0.04
CA PHE A 18 -1.12 -5.22 0.83
C PHE A 18 -2.29 -5.35 1.82
N SER A 19 -3.50 -5.59 1.31
CA SER A 19 -4.72 -5.67 2.10
C SER A 19 -4.68 -6.82 3.10
N ALA A 20 -3.98 -7.91 2.77
CA ALA A 20 -3.85 -9.09 3.60
C ALA A 20 -3.16 -8.79 4.94
N LEU A 21 -2.28 -7.78 5.00
CA LEU A 21 -1.64 -7.40 6.25
C LEU A 21 -2.66 -6.74 7.18
N PRO A 22 -2.43 -6.71 8.51
CA PRO A 22 -3.23 -5.90 9.41
C PRO A 22 -3.23 -4.45 8.94
N ARG A 23 -4.42 -3.86 8.92
CA ARG A 23 -4.72 -2.56 8.32
C ARG A 23 -3.82 -1.44 8.82
N TRP A 24 -3.43 -1.49 10.09
CA TRP A 24 -2.57 -0.47 10.68
C TRP A 24 -1.17 -0.53 10.06
N LYS A 25 -0.64 -1.75 9.92
CA LYS A 25 0.71 -1.99 9.44
C LYS A 25 0.84 -1.53 8.00
N GLN A 26 -0.05 -2.09 7.19
CA GLN A 26 -0.36 -1.74 5.82
C GLN A 26 -0.27 -0.24 5.58
N GLN A 27 -1.04 0.55 6.33
CA GLN A 27 -1.11 1.98 6.14
C GLN A 27 0.20 2.62 6.59
N ASN A 28 0.81 2.13 7.68
CA ASN A 28 2.11 2.58 8.13
C ASN A 28 3.19 2.38 7.06
N LEU A 29 3.14 1.31 6.27
CA LEU A 29 4.05 1.16 5.13
C LEU A 29 3.89 2.36 4.20
N LYS A 30 2.64 2.60 3.80
CA LYS A 30 2.21 3.61 2.85
C LYS A 30 2.58 5.03 3.32
N LYS A 31 2.48 5.26 4.62
CA LYS A 31 2.76 6.53 5.30
C LYS A 31 4.26 6.77 5.48
N GLU A 32 5.00 5.75 5.92
CA GLU A 32 6.47 5.81 6.01
C GLU A 32 7.06 6.11 4.64
N LYS A 33 6.53 5.45 3.60
CA LYS A 33 6.91 5.67 2.21
C LYS A 33 6.54 7.09 1.77
N GLY A 34 5.38 7.58 2.21
CA GLY A 34 4.94 8.94 1.98
C GLY A 34 3.95 9.05 0.82
N LEU A 35 3.35 7.93 0.38
CA LEU A 35 2.33 7.97 -0.67
C LEU A 35 1.06 8.58 -0.10
N PHE A 36 0.45 7.87 0.86
CA PHE A 36 -0.69 8.33 1.63
C PHE A 36 -0.64 7.71 3.02
N LEU A 2 -4.14 8.40 -4.24
CA LEU A 2 -3.54 7.15 -4.67
C LEU A 2 -4.65 6.18 -5.08
N SER A 3 -4.80 5.98 -6.40
CA SER A 3 -5.68 4.97 -6.96
C SER A 3 -5.12 3.56 -6.74
N ILE A 4 -5.91 2.55 -7.10
CA ILE A 4 -5.50 1.15 -7.13
C ILE A 4 -4.27 0.97 -8.04
N GLU A 5 -4.19 1.75 -9.13
CA GLU A 5 -3.07 1.70 -10.06
C GLU A 5 -1.85 2.39 -9.48
N ASP A 6 -2.04 3.55 -8.85
CA ASP A 6 -0.95 4.27 -8.18
C ASP A 6 -0.34 3.37 -7.10
N PHE A 7 -1.16 2.56 -6.40
CA PHE A 7 -0.67 1.60 -5.43
C PHE A 7 0.37 0.67 -6.06
N THR A 8 -0.04 -0.12 -7.06
CA THR A 8 0.78 -1.14 -7.70
C THR A 8 2.06 -0.52 -8.27
N GLN A 9 1.95 0.62 -8.94
CA GLN A 9 3.09 1.34 -9.50
C GLN A 9 4.07 1.77 -8.40
N ALA A 10 3.55 2.34 -7.31
CA ALA A 10 4.37 2.89 -6.23
C ALA A 10 5.07 1.80 -5.43
N PHE A 11 4.42 0.65 -5.24
CA PHE A 11 4.89 -0.38 -4.32
C PHE A 11 5.66 -1.47 -5.06
N GLY A 12 5.22 -1.83 -6.26
CA GLY A 12 5.72 -2.99 -6.98
C GLY A 12 5.20 -4.29 -6.34
N MET A 13 4.03 -4.24 -5.69
CA MET A 13 3.37 -5.37 -5.06
C MET A 13 1.89 -5.33 -5.39
N THR A 14 1.22 -6.45 -5.13
CA THR A 14 -0.22 -6.62 -5.30
C THR A 14 -0.97 -6.01 -4.12
N PRO A 15 -2.14 -5.40 -4.38
CA PRO A 15 -3.04 -4.93 -3.34
C PRO A 15 -3.64 -6.11 -2.58
N ALA A 16 -3.61 -7.34 -3.13
CA ALA A 16 -4.08 -8.51 -2.39
C ALA A 16 -3.07 -8.86 -1.29
N ALA A 17 -1.78 -8.90 -1.65
CA ALA A 17 -0.69 -9.08 -0.69
C ALA A 17 -0.73 -7.99 0.38
N PHE A 18 -0.95 -6.75 -0.05
CA PHE A 18 -1.10 -5.61 0.85
C PHE A 18 -2.26 -5.85 1.82
N SER A 19 -3.42 -6.23 1.28
CA SER A 19 -4.68 -6.38 2.00
C SER A 19 -4.58 -7.46 3.07
N ALA A 20 -3.82 -8.52 2.80
CA ALA A 20 -3.61 -9.64 3.71
C ALA A 20 -3.04 -9.19 5.07
N LEU A 21 -2.25 -8.11 5.10
CA LEU A 21 -1.69 -7.61 6.36
C LEU A 21 -2.80 -6.91 7.16
N PRO A 22 -2.67 -6.78 8.49
CA PRO A 22 -3.55 -5.92 9.28
C PRO A 22 -3.55 -4.50 8.71
N ARG A 23 -4.73 -3.90 8.65
CA ARG A 23 -4.99 -2.64 7.98
C ARG A 23 -4.10 -1.51 8.48
N TRP A 24 -3.77 -1.50 9.78
CA TRP A 24 -2.90 -0.47 10.34
C TRP A 24 -1.50 -0.56 9.73
N LYS A 25 -0.95 -1.77 9.65
CA LYS A 25 0.42 -2.01 9.23
C LYS A 25 0.57 -1.64 7.77
N GLN A 26 -0.30 -2.26 6.97
CA GLN A 26 -0.57 -1.99 5.58
C GLN A 26 -0.50 -0.50 5.27
N GLN A 27 -1.30 0.32 5.95
CA GLN A 27 -1.35 1.74 5.66
C GLN A 27 -0.10 2.43 6.19
N ASN A 28 0.49 1.95 7.29
CA ASN A 28 1.76 2.45 7.79
C ASN A 28 2.87 2.29 6.76
N LEU A 29 2.86 1.21 5.96
CA LEU A 29 3.84 1.01 4.89
C LEU A 29 3.82 2.22 3.95
N LYS A 30 2.64 2.51 3.40
CA LYS A 30 2.39 3.57 2.44
C LYS A 30 2.67 4.95 3.03
N LYS A 31 2.29 5.14 4.31
CA LYS A 31 2.48 6.37 5.05
C LYS A 31 3.97 6.68 5.20
N GLU A 32 4.73 5.75 5.78
CA GLU A 32 6.15 5.95 6.07
C GLU A 32 6.99 6.01 4.79
N LYS A 33 6.56 5.34 3.71
CA LYS A 33 7.17 5.52 2.39
C LYS A 33 6.99 6.95 1.88
N GLY A 34 6.01 7.70 2.40
CA GLY A 34 5.73 9.06 1.99
C GLY A 34 4.81 9.13 0.76
N LEU A 35 4.12 8.03 0.44
CA LEU A 35 3.21 7.93 -0.69
C LEU A 35 1.86 8.49 -0.29
N PHE A 36 1.30 7.93 0.80
CA PHE A 36 0.01 8.26 1.39
C PHE A 36 -1.17 7.81 0.53
N LEU A 2 -5.92 6.96 -2.53
CA LEU A 2 -4.90 6.39 -3.40
C LEU A 2 -5.56 5.51 -4.46
N SER A 3 -5.28 5.80 -5.74
CA SER A 3 -5.72 4.96 -6.85
C SER A 3 -4.90 3.66 -6.87
N ILE A 4 -5.55 2.55 -7.25
CA ILE A 4 -4.94 1.25 -7.36
C ILE A 4 -3.72 1.30 -8.29
N GLU A 5 -3.77 2.15 -9.32
CA GLU A 5 -2.69 2.29 -10.29
C GLU A 5 -1.45 2.88 -9.64
N ASP A 6 -1.61 4.02 -8.96
CA ASP A 6 -0.52 4.67 -8.25
C ASP A 6 0.04 3.73 -7.17
N PHE A 7 -0.85 2.99 -6.48
CA PHE A 7 -0.44 1.96 -5.53
C PHE A 7 0.53 0.96 -6.17
N THR A 8 0.06 0.22 -7.17
CA THR A 8 0.79 -0.87 -7.78
C THR A 8 2.14 -0.41 -8.32
N GLN A 9 2.17 0.69 -9.09
CA GLN A 9 3.42 1.17 -9.69
C GLN A 9 4.41 1.64 -8.62
N ALA A 10 3.93 2.27 -7.53
CA ALA A 10 4.78 2.78 -6.48
C ALA A 10 5.40 1.66 -5.65
N PHE A 11 4.63 0.60 -5.37
CA PHE A 11 5.01 -0.42 -4.41
C PHE A 11 5.70 -1.59 -5.11
N GLY A 12 5.23 -1.97 -6.29
CA GLY A 12 5.65 -3.19 -6.97
C GLY A 12 4.97 -4.41 -6.35
N MET A 13 3.77 -4.23 -5.78
CA MET A 13 3.01 -5.25 -5.07
C MET A 13 1.53 -5.13 -5.43
N THR A 14 0.79 -6.18 -5.10
CA THR A 14 -0.65 -6.32 -5.34
C THR A 14 -1.46 -5.80 -4.14
N PRO A 15 -2.61 -5.15 -4.40
CA PRO A 15 -3.59 -4.81 -3.38
C PRO A 15 -3.99 -6.02 -2.55
N ALA A 16 -3.95 -7.24 -3.13
CA ALA A 16 -4.32 -8.46 -2.41
C ALA A 16 -3.27 -8.77 -1.35
N ALA A 17 -1.98 -8.77 -1.74
CA ALA A 17 -0.86 -8.95 -0.82
C ALA A 17 -0.90 -7.89 0.28
N PHE A 18 -1.19 -6.64 -0.09
CA PHE A 18 -1.32 -5.54 0.84
C PHE A 18 -2.45 -5.83 1.85
N SER A 19 -3.62 -6.23 1.34
CA SER A 19 -4.83 -6.45 2.11
C SER A 19 -4.65 -7.58 3.13
N ALA A 20 -3.82 -8.58 2.79
CA ALA A 20 -3.51 -9.71 3.66
C ALA A 20 -2.92 -9.27 4.99
N LEU A 21 -2.16 -8.15 5.02
CA LEU A 21 -1.59 -7.65 6.26
C LEU A 21 -2.69 -6.98 7.10
N PRO A 22 -2.53 -6.87 8.43
CA PRO A 22 -3.41 -6.05 9.25
C PRO A 22 -3.43 -4.61 8.72
N ARG A 23 -4.63 -4.02 8.73
CA ARG A 23 -4.95 -2.75 8.10
C ARG A 23 -4.03 -1.62 8.56
N TRP A 24 -3.71 -1.64 9.85
CA TRP A 24 -2.92 -0.59 10.47
C TRP A 24 -1.50 -0.59 9.89
N LYS A 25 -0.93 -1.80 9.75
CA LYS A 25 0.42 -2.01 9.27
C LYS A 25 0.50 -1.61 7.81
N GLN A 26 -0.39 -2.21 7.02
CA GLN A 26 -0.66 -1.94 5.63
C GLN A 26 -0.65 -0.44 5.34
N GLN A 27 -1.44 0.35 6.08
CA GLN A 27 -1.54 1.77 5.80
C GLN A 27 -0.28 2.49 6.29
N ASN A 28 0.34 2.00 7.37
CA ASN A 28 1.62 2.51 7.82
C ASN A 28 2.70 2.37 6.73
N LEU A 29 2.66 1.29 5.91
CA LEU A 29 3.58 1.14 4.79
C LEU A 29 3.42 2.33 3.84
N LYS A 30 2.18 2.54 3.37
CA LYS A 30 1.79 3.60 2.44
C LYS A 30 2.24 4.97 2.96
N LYS A 31 2.01 5.22 4.26
CA LYS A 31 2.27 6.48 4.93
C LYS A 31 3.78 6.74 5.05
N GLU A 32 4.52 5.80 5.65
CA GLU A 32 5.96 5.93 5.91
C GLU A 32 6.78 5.90 4.62
N LYS A 33 6.28 5.21 3.58
CA LYS A 33 6.85 5.26 2.24
C LYS A 33 6.77 6.67 1.65
N GLY A 34 5.81 7.48 2.13
CA GLY A 34 5.56 8.82 1.60
C GLY A 34 4.67 8.78 0.35
N LEU A 35 3.97 7.65 0.14
CA LEU A 35 3.09 7.48 -1.00
C LEU A 35 1.76 8.18 -0.71
N PHE A 36 1.15 7.76 0.39
CA PHE A 36 -0.11 8.27 0.95
C PHE A 36 -1.33 7.83 0.14
N LEU A 2 -4.42 8.40 -4.39
CA LEU A 2 -3.73 7.21 -4.83
C LEU A 2 -4.74 6.09 -5.13
N SER A 3 -4.88 5.76 -6.42
CA SER A 3 -5.68 4.65 -6.89
C SER A 3 -4.97 3.31 -6.64
N ILE A 4 -5.66 2.20 -6.91
CA ILE A 4 -5.09 0.86 -6.89
C ILE A 4 -3.93 0.78 -7.90
N GLU A 5 -4.01 1.53 -9.01
CA GLU A 5 -2.95 1.56 -10.00
C GLU A 5 -1.72 2.31 -9.49
N ASP A 6 -1.94 3.50 -8.92
CA ASP A 6 -0.87 4.26 -8.30
C ASP A 6 -0.23 3.45 -7.18
N PHE A 7 -1.02 2.66 -6.43
CA PHE A 7 -0.51 1.75 -5.42
C PHE A 7 0.51 0.77 -5.99
N THR A 8 0.09 -0.06 -6.94
CA THR A 8 0.91 -1.11 -7.54
C THR A 8 2.19 -0.54 -8.15
N GLN A 9 2.08 0.58 -8.88
CA GLN A 9 3.21 1.21 -9.52
C GLN A 9 4.19 1.79 -8.49
N ALA A 10 3.69 2.49 -7.47
CA ALA A 10 4.51 3.19 -6.50
C ALA A 10 5.24 2.21 -5.55
N PHE A 11 4.61 1.08 -5.23
CA PHE A 11 5.17 0.11 -4.29
C PHE A 11 5.89 -1.01 -5.01
N GLY A 12 5.26 -1.56 -6.07
CA GLY A 12 5.73 -2.76 -6.73
C GLY A 12 5.15 -4.03 -6.11
N MET A 13 3.95 -3.95 -5.50
CA MET A 13 3.27 -5.09 -4.89
C MET A 13 1.77 -5.02 -5.15
N THR A 14 1.12 -6.19 -5.11
CA THR A 14 -0.33 -6.31 -5.21
C THR A 14 -1.04 -5.71 -3.99
N PRO A 15 -2.21 -5.08 -4.19
CA PRO A 15 -3.06 -4.62 -3.12
C PRO A 15 -3.66 -5.80 -2.35
N ALA A 16 -3.69 -7.01 -2.95
CA ALA A 16 -4.17 -8.19 -2.25
C ALA A 16 -3.14 -8.62 -1.19
N ALA A 17 -1.85 -8.66 -1.57
CA ALA A 17 -0.76 -8.91 -0.65
C ALA A 17 -0.76 -7.87 0.48
N PHE A 18 -1.00 -6.60 0.12
CA PHE A 18 -1.11 -5.52 1.07
C PHE A 18 -2.27 -5.78 2.04
N SER A 19 -3.44 -6.13 1.49
CA SER A 19 -4.68 -6.36 2.23
C SER A 19 -4.54 -7.48 3.24
N ALA A 20 -3.72 -8.50 2.93
CA ALA A 20 -3.46 -9.63 3.81
C ALA A 20 -2.88 -9.20 5.16
N LEU A 21 -2.12 -8.10 5.21
CA LEU A 21 -1.57 -7.59 6.46
C LEU A 21 -2.67 -6.90 7.27
N PRO A 22 -2.54 -6.77 8.60
CA PRO A 22 -3.43 -5.93 9.38
C PRO A 22 -3.38 -4.49 8.86
N ARG A 23 -4.56 -3.87 8.80
CA ARG A 23 -4.78 -2.54 8.25
C ARG A 23 -3.84 -1.49 8.83
N TRP A 24 -3.58 -1.53 10.14
CA TRP A 24 -2.71 -0.54 10.75
C TRP A 24 -1.32 -0.58 10.11
N LYS A 25 -0.79 -1.80 9.90
CA LYS A 25 0.55 -2.01 9.41
C LYS A 25 0.63 -1.58 7.96
N GLN A 26 -0.21 -2.21 7.15
CA GLN A 26 -0.51 -1.93 5.76
C GLN A 26 -0.43 -0.44 5.46
N GLN A 27 -1.24 0.38 6.17
CA GLN A 27 -1.30 1.80 5.90
C GLN A 27 -0.05 2.51 6.43
N ASN A 28 0.49 2.08 7.58
CA ASN A 28 1.74 2.57 8.11
C ASN A 28 2.90 2.37 7.11
N LEU A 29 2.91 1.28 6.31
CA LEU A 29 3.93 1.10 5.28
C LEU A 29 3.93 2.30 4.33
N LYS A 30 2.77 2.55 3.73
CA LYS A 30 2.53 3.57 2.72
C LYS A 30 2.82 4.96 3.27
N LYS A 31 2.39 5.20 4.52
CA LYS A 31 2.54 6.47 5.21
C LYS A 31 4.02 6.75 5.50
N GLU A 32 4.73 5.80 6.13
CA GLU A 32 6.15 5.95 6.45
C GLU A 32 7.00 6.10 5.19
N LYS A 33 6.66 5.36 4.12
CA LYS A 33 7.33 5.50 2.84
C LYS A 33 7.09 6.88 2.23
N GLY A 34 5.93 7.50 2.54
CA GLY A 34 5.60 8.86 2.11
C GLY A 34 4.80 8.87 0.80
N LEU A 35 4.22 7.73 0.41
CA LEU A 35 3.43 7.64 -0.82
C LEU A 35 2.11 8.39 -0.67
N PHE A 36 1.26 7.95 0.26
CA PHE A 36 -0.08 8.49 0.44
C PHE A 36 -0.63 8.12 1.82
N LEU A 2 -7.61 5.13 -3.94
CA LEU A 2 -6.56 5.97 -4.52
C LEU A 2 -6.18 5.51 -5.93
N SER A 3 -7.08 4.77 -6.61
CA SER A 3 -6.85 4.03 -7.85
C SER A 3 -5.74 3.00 -7.68
N ILE A 4 -6.07 1.72 -7.89
CA ILE A 4 -5.19 0.59 -7.65
C ILE A 4 -3.84 0.75 -8.37
N GLU A 5 -3.85 1.46 -9.51
CA GLU A 5 -2.66 1.70 -10.30
C GLU A 5 -1.62 2.51 -9.52
N ASP A 6 -2.06 3.50 -8.74
CA ASP A 6 -1.16 4.36 -7.99
C ASP A 6 -0.38 3.56 -6.95
N PHE A 7 -1.07 2.73 -6.16
CA PHE A 7 -0.44 1.81 -5.22
C PHE A 7 0.59 0.95 -5.95
N THR A 8 0.17 0.14 -6.93
CA THR A 8 1.04 -0.80 -7.59
C THR A 8 2.29 -0.14 -8.19
N GLN A 9 2.10 0.94 -8.97
CA GLN A 9 3.21 1.55 -9.71
C GLN A 9 4.23 2.21 -8.79
N ALA A 10 3.76 2.89 -7.73
CA ALA A 10 4.63 3.61 -6.81
C ALA A 10 5.28 2.66 -5.80
N PHE A 11 4.54 1.63 -5.37
CA PHE A 11 4.95 0.77 -4.27
C PHE A 11 5.83 -0.37 -4.75
N GLY A 12 5.44 -0.99 -5.88
CA GLY A 12 6.08 -2.19 -6.41
C GLY A 12 5.56 -3.47 -5.73
N MET A 13 4.32 -3.45 -5.22
CA MET A 13 3.66 -4.63 -4.69
C MET A 13 2.18 -4.62 -5.04
N THR A 14 1.54 -5.79 -4.88
CA THR A 14 0.12 -5.99 -5.09
C THR A 14 -0.70 -5.46 -3.90
N PRO A 15 -1.89 -4.91 -4.18
CA PRO A 15 -2.84 -4.52 -3.15
C PRO A 15 -3.40 -5.74 -2.43
N ALA A 16 -3.33 -6.95 -3.04
CA ALA A 16 -3.76 -8.16 -2.37
C ALA A 16 -2.78 -8.54 -1.27
N ALA A 17 -1.48 -8.54 -1.60
CA ALA A 17 -0.39 -8.73 -0.63
C ALA A 17 -0.51 -7.71 0.49
N PHE A 18 -0.77 -6.44 0.13
CA PHE A 18 -0.96 -5.36 1.08
C PHE A 18 -2.13 -5.67 2.01
N SER A 19 -3.27 -6.06 1.42
CA SER A 19 -4.54 -6.24 2.13
C SER A 19 -4.46 -7.40 3.13
N ALA A 20 -3.60 -8.39 2.86
CA ALA A 20 -3.38 -9.52 3.76
C ALA A 20 -2.92 -9.06 5.15
N LEU A 21 -2.18 -7.95 5.24
CA LEU A 21 -1.71 -7.43 6.52
C LEU A 21 -2.86 -6.69 7.22
N PRO A 22 -2.82 -6.54 8.56
CA PRO A 22 -3.73 -5.65 9.26
C PRO A 22 -3.63 -4.24 8.70
N ARG A 23 -4.78 -3.58 8.58
CA ARG A 23 -4.94 -2.30 7.91
C ARG A 23 -4.03 -1.22 8.50
N TRP A 24 -3.79 -1.24 9.82
CA TRP A 24 -2.93 -0.25 10.44
C TRP A 24 -1.49 -0.34 9.90
N LYS A 25 -0.97 -1.58 9.84
CA LYS A 25 0.40 -1.84 9.49
C LYS A 25 0.65 -1.45 8.05
N GLN A 26 -0.17 -2.05 7.18
CA GLN A 26 -0.35 -1.78 5.78
C GLN A 26 -0.19 -0.29 5.47
N GLN A 27 -1.02 0.56 6.10
CA GLN A 27 -0.99 1.99 5.83
C GLN A 27 0.31 2.62 6.36
N ASN A 28 0.77 2.18 7.54
CA ASN A 28 2.04 2.61 8.11
C ASN A 28 3.22 2.32 7.19
N LEU A 29 3.20 1.22 6.41
CA LEU A 29 4.27 0.92 5.45
C LEU A 29 4.42 2.08 4.46
N LYS A 30 3.32 2.42 3.79
CA LYS A 30 3.22 3.46 2.78
C LYS A 30 3.56 4.82 3.35
N LYS A 31 3.10 5.10 4.58
CA LYS A 31 3.30 6.37 5.25
C LYS A 31 4.77 6.54 5.68
N GLU A 32 5.41 5.48 6.19
CA GLU A 32 6.84 5.48 6.50
C GLU A 32 7.65 5.69 5.23
N LYS A 33 7.29 4.99 4.14
CA LYS A 33 7.92 5.16 2.84
C LYS A 33 7.69 6.57 2.28
N GLY A 34 6.58 7.21 2.65
CA GLY A 34 6.32 8.61 2.34
C GLY A 34 5.60 8.82 1.01
N LEU A 35 4.97 7.77 0.46
CA LEU A 35 4.27 7.84 -0.81
C LEU A 35 3.02 8.72 -0.67
N PHE A 36 1.98 8.18 -0.02
CA PHE A 36 0.68 8.81 0.15
C PHE A 36 -0.13 7.95 1.12
N LEU A 2 -8.13 4.82 -1.82
CA LEU A 2 -6.95 4.63 -2.66
C LEU A 2 -7.33 3.81 -3.90
N SER A 3 -7.11 4.40 -5.08
CA SER A 3 -7.21 3.68 -6.35
C SER A 3 -6.07 2.66 -6.43
N ILE A 4 -6.40 1.42 -6.77
CA ILE A 4 -5.49 0.31 -6.95
C ILE A 4 -4.33 0.70 -7.87
N GLU A 5 -4.60 1.58 -8.84
CA GLU A 5 -3.63 2.02 -9.83
C GLU A 5 -2.51 2.80 -9.15
N ASP A 6 -2.87 3.78 -8.32
CA ASP A 6 -1.88 4.53 -7.56
C ASP A 6 -1.10 3.59 -6.63
N PHE A 7 -1.80 2.65 -5.98
CA PHE A 7 -1.16 1.68 -5.11
C PHE A 7 -0.03 0.95 -5.86
N THR A 8 -0.38 0.20 -6.91
CA THR A 8 0.53 -0.64 -7.65
C THR A 8 1.73 0.14 -8.18
N GLN A 9 1.47 1.28 -8.81
CA GLN A 9 2.51 2.12 -9.38
C GLN A 9 3.46 2.67 -8.31
N ALA A 10 2.90 3.13 -7.18
CA ALA A 10 3.67 3.77 -6.12
C ALA A 10 4.48 2.76 -5.32
N PHE A 11 3.95 1.55 -5.12
CA PHE A 11 4.54 0.55 -4.24
C PHE A 11 5.42 -0.45 -4.98
N GLY A 12 4.94 -0.92 -6.13
CA GLY A 12 5.56 -2.04 -6.84
C GLY A 12 5.16 -3.38 -6.22
N MET A 13 3.99 -3.45 -5.57
CA MET A 13 3.43 -4.65 -4.98
C MET A 13 1.96 -4.78 -5.41
N THR A 14 1.38 -5.95 -5.15
CA THR A 14 -0.01 -6.26 -5.41
C THR A 14 -0.91 -5.78 -4.27
N PRO A 15 -2.11 -5.27 -4.59
CA PRO A 15 -3.11 -4.95 -3.60
C PRO A 15 -3.63 -6.20 -2.91
N ALA A 16 -3.45 -7.40 -3.49
CA ALA A 16 -3.80 -8.64 -2.81
C ALA A 16 -2.87 -8.85 -1.61
N ALA A 17 -1.56 -8.71 -1.83
CA ALA A 17 -0.57 -8.75 -0.77
C ALA A 17 -0.86 -7.70 0.30
N PHE A 18 -1.14 -6.47 -0.14
CA PHE A 18 -1.39 -5.36 0.75
C PHE A 18 -2.63 -5.60 1.62
N SER A 19 -3.71 -6.07 0.99
CA SER A 19 -5.03 -6.20 1.61
C SER A 19 -5.02 -7.20 2.77
N ALA A 20 -4.18 -8.23 2.68
CA ALA A 20 -4.02 -9.25 3.70
C ALA A 20 -3.68 -8.67 5.07
N LEU A 21 -3.00 -7.52 5.12
CA LEU A 21 -2.56 -6.92 6.39
C LEU A 21 -3.73 -6.16 7.03
N PRO A 22 -3.73 -5.98 8.36
CA PRO A 22 -4.67 -5.07 9.02
C PRO A 22 -4.54 -3.64 8.47
N ARG A 23 -5.68 -2.95 8.37
CA ARG A 23 -5.81 -1.61 7.84
C ARG A 23 -4.77 -0.65 8.40
N TRP A 24 -4.60 -0.64 9.73
CA TRP A 24 -3.70 0.31 10.36
C TRP A 24 -2.28 0.18 9.80
N LYS A 25 -1.82 -1.07 9.68
CA LYS A 25 -0.46 -1.37 9.25
C LYS A 25 -0.31 -1.01 7.79
N GLN A 26 -1.19 -1.57 6.97
CA GLN A 26 -1.32 -1.38 5.55
C GLN A 26 -1.16 0.09 5.17
N GLN A 27 -1.92 0.99 5.80
CA GLN A 27 -1.90 2.40 5.48
C GLN A 27 -0.64 3.06 6.04
N ASN A 28 -0.18 2.63 7.23
CA ASN A 28 1.09 3.05 7.78
C ASN A 28 2.26 2.73 6.84
N LEU A 29 2.19 1.64 6.05
CA LEU A 29 3.24 1.33 5.07
C LEU A 29 3.37 2.48 4.07
N LYS A 30 2.25 2.87 3.46
CA LYS A 30 2.15 3.96 2.49
C LYS A 30 2.72 5.25 3.07
N LYS A 31 2.32 5.57 4.30
CA LYS A 31 2.72 6.76 5.02
C LYS A 31 4.23 6.78 5.30
N GLU A 32 4.74 5.77 6.03
CA GLU A 32 6.12 5.73 6.47
C GLU A 32 7.11 5.61 5.29
N LYS A 33 6.71 4.90 4.22
CA LYS A 33 7.50 4.81 2.99
C LYS A 33 7.63 6.18 2.30
N GLY A 34 6.72 7.12 2.61
CA GLY A 34 6.72 8.45 2.04
C GLY A 34 5.93 8.53 0.73
N LEU A 35 5.09 7.52 0.45
CA LEU A 35 4.22 7.52 -0.72
C LEU A 35 2.96 8.33 -0.42
N PHE A 36 2.37 8.09 0.76
CA PHE A 36 1.18 8.74 1.30
C PHE A 36 -0.10 8.33 0.55
N LEU A 2 -5.57 2.85 -0.52
CA LEU A 2 -5.15 3.61 -1.69
C LEU A 2 -5.83 2.98 -2.91
N SER A 3 -6.27 3.82 -3.86
CA SER A 3 -6.80 3.38 -5.15
C SER A 3 -5.80 2.45 -5.85
N ILE A 4 -6.29 1.28 -6.29
CA ILE A 4 -5.54 0.16 -6.82
C ILE A 4 -4.52 0.62 -7.87
N GLU A 5 -4.91 1.53 -8.76
CA GLU A 5 -4.09 1.96 -9.88
C GLU A 5 -2.85 2.73 -9.45
N ASP A 6 -3.02 3.75 -8.60
CA ASP A 6 -1.89 4.46 -8.04
C ASP A 6 -1.05 3.51 -7.19
N PHE A 7 -1.70 2.66 -6.41
CA PHE A 7 -1.02 1.71 -5.53
C PHE A 7 -0.04 0.82 -6.29
N THR A 8 -0.51 0.08 -7.29
CA THR A 8 0.30 -0.85 -8.06
C THR A 8 1.54 -0.15 -8.62
N GLN A 9 1.36 1.03 -9.24
CA GLN A 9 2.43 1.75 -9.89
C GLN A 9 3.41 2.35 -8.89
N ALA A 10 2.91 3.19 -7.99
CA ALA A 10 3.72 3.97 -7.06
C ALA A 10 4.38 3.08 -6.00
N PHE A 11 3.71 2.01 -5.57
CA PHE A 11 4.21 1.13 -4.52
C PHE A 11 5.05 0.02 -5.12
N GLY A 12 4.60 -0.56 -6.24
CA GLY A 12 5.26 -1.68 -6.88
C GLY A 12 4.89 -3.01 -6.22
N MET A 13 3.71 -3.11 -5.59
CA MET A 13 3.23 -4.34 -4.98
C MET A 13 1.78 -4.61 -5.37
N THR A 14 1.34 -5.84 -5.07
CA THR A 14 0.00 -6.35 -5.29
C THR A 14 -0.98 -5.81 -4.26
N PRO A 15 -2.19 -5.40 -4.68
CA PRO A 15 -3.29 -5.09 -3.79
C PRO A 15 -3.67 -6.27 -2.91
N ALA A 16 -3.34 -7.52 -3.30
CA ALA A 16 -3.66 -8.68 -2.46
C ALA A 16 -2.77 -8.66 -1.22
N ALA A 17 -1.46 -8.48 -1.42
CA ALA A 17 -0.52 -8.25 -0.32
C ALA A 17 -0.97 -7.05 0.51
N PHE A 18 -1.34 -5.95 -0.16
CA PHE A 18 -1.81 -4.72 0.48
C PHE A 18 -3.31 -4.73 0.77
N SER A 19 -3.88 -5.91 0.95
CA SER A 19 -5.23 -6.14 1.47
C SER A 19 -5.16 -7.02 2.71
N ALA A 20 -4.34 -8.07 2.66
CA ALA A 20 -4.19 -9.08 3.70
C ALA A 20 -3.94 -8.51 5.10
N LEU A 21 -3.25 -7.35 5.21
CA LEU A 21 -2.81 -6.81 6.49
C LEU A 21 -3.95 -6.05 7.18
N PRO A 22 -3.92 -5.88 8.51
CA PRO A 22 -4.83 -4.99 9.21
C PRO A 22 -4.66 -3.56 8.70
N ARG A 23 -5.78 -2.83 8.64
CA ARG A 23 -5.87 -1.45 8.17
C ARG A 23 -4.78 -0.57 8.75
N TRP A 24 -4.56 -0.62 10.07
CA TRP A 24 -3.61 0.26 10.73
C TRP A 24 -2.21 0.08 10.12
N LYS A 25 -1.80 -1.19 9.96
CA LYS A 25 -0.46 -1.51 9.49
C LYS A 25 -0.33 -1.14 8.04
N GLN A 26 -1.26 -1.63 7.24
CA GLN A 26 -1.41 -1.39 5.81
C GLN A 26 -1.20 0.09 5.49
N GLN A 27 -1.91 0.99 6.16
CA GLN A 27 -1.85 2.40 5.87
C GLN A 27 -0.55 2.99 6.42
N ASN A 28 -0.11 2.54 7.59
CA ASN A 28 1.20 2.91 8.14
C ASN A 28 2.34 2.61 7.17
N LEU A 29 2.24 1.55 6.34
CA LEU A 29 3.26 1.27 5.32
C LEU A 29 3.39 2.46 4.38
N LYS A 30 2.25 2.88 3.81
CA LYS A 30 2.15 3.97 2.86
C LYS A 30 2.64 5.29 3.48
N LYS A 31 2.24 5.54 4.73
CA LYS A 31 2.56 6.76 5.46
C LYS A 31 4.05 6.83 5.81
N GLU A 32 4.62 5.77 6.39
CA GLU A 32 6.03 5.75 6.79
C GLU A 32 6.94 5.74 5.57
N LYS A 33 6.51 5.12 4.47
CA LYS A 33 7.17 5.20 3.17
C LYS A 33 7.14 6.63 2.63
N GLY A 34 6.15 7.44 3.05
CA GLY A 34 6.00 8.82 2.63
C GLY A 34 5.34 8.91 1.25
N LEU A 35 4.67 7.84 0.81
CA LEU A 35 4.17 7.72 -0.55
C LEU A 35 2.95 8.62 -0.75
N PHE A 36 1.83 8.28 -0.08
CA PHE A 36 0.59 9.06 -0.06
C PHE A 36 -0.14 8.77 1.25
N LEU A 2 -5.95 8.25 -4.22
CA LEU A 2 -5.38 6.92 -4.17
C LEU A 2 -6.35 5.94 -4.84
N SER A 3 -6.22 5.80 -6.17
CA SER A 3 -6.90 4.77 -6.93
C SER A 3 -6.12 3.46 -6.81
N ILE A 4 -6.73 2.34 -7.24
CA ILE A 4 -6.05 1.06 -7.30
C ILE A 4 -4.81 1.19 -8.19
N GLU A 5 -4.91 1.96 -9.29
CA GLU A 5 -3.80 2.20 -10.19
C GLU A 5 -2.69 2.98 -9.51
N ASP A 6 -3.03 4.08 -8.82
CA ASP A 6 -2.07 4.88 -8.10
C ASP A 6 -1.34 4.04 -7.05
N PHE A 7 -2.09 3.21 -6.32
CA PHE A 7 -1.53 2.30 -5.33
C PHE A 7 -0.49 1.37 -5.95
N THR A 8 -0.88 0.57 -6.95
CA THR A 8 -0.03 -0.43 -7.57
C THR A 8 1.24 0.21 -8.15
N GLN A 9 1.09 1.34 -8.85
CA GLN A 9 2.21 2.08 -9.41
C GLN A 9 3.16 2.58 -8.32
N ALA A 10 2.61 3.11 -7.21
CA ALA A 10 3.40 3.70 -6.14
C ALA A 10 4.15 2.65 -5.33
N PHE A 11 3.55 1.47 -5.13
CA PHE A 11 4.07 0.44 -4.23
C PHE A 11 4.85 -0.64 -4.98
N GLY A 12 4.34 -1.07 -6.13
CA GLY A 12 4.85 -2.25 -6.83
C GLY A 12 4.33 -3.53 -6.16
N MET A 13 3.17 -3.44 -5.49
CA MET A 13 2.52 -4.56 -4.80
C MET A 13 1.03 -4.52 -5.14
N THR A 14 0.38 -5.65 -4.90
CA THR A 14 -1.03 -5.90 -5.17
C THR A 14 -1.91 -5.51 -3.98
N PRO A 15 -3.11 -4.95 -4.23
CA PRO A 15 -4.13 -4.74 -3.22
C PRO A 15 -4.45 -6.05 -2.48
N ALA A 16 -4.31 -7.20 -3.15
CA ALA A 16 -4.60 -8.49 -2.51
C ALA A 16 -3.57 -8.76 -1.41
N ALA A 17 -2.27 -8.62 -1.73
CA ALA A 17 -1.20 -8.73 -0.75
C ALA A 17 -1.41 -7.74 0.39
N PHE A 18 -1.73 -6.50 0.03
CA PHE A 18 -1.89 -5.41 0.98
C PHE A 18 -3.03 -5.69 1.96
N SER A 19 -4.17 -6.15 1.44
CA SER A 19 -5.42 -6.31 2.18
C SER A 19 -5.29 -7.32 3.31
N ALA A 20 -4.43 -8.34 3.11
CA ALA A 20 -4.16 -9.39 4.08
C ALA A 20 -3.67 -8.83 5.43
N LEU A 21 -2.97 -7.69 5.43
CA LEU A 21 -2.46 -7.11 6.67
C LEU A 21 -3.59 -6.47 7.46
N PRO A 22 -3.46 -6.28 8.78
CA PRO A 22 -4.38 -5.47 9.55
C PRO A 22 -4.43 -4.05 8.97
N ARG A 23 -5.63 -3.50 8.89
CA ARG A 23 -5.93 -2.24 8.22
C ARG A 23 -5.05 -1.09 8.73
N TRP A 24 -4.76 -1.06 10.04
CA TRP A 24 -3.93 0.00 10.61
C TRP A 24 -2.54 -0.01 9.97
N LYS A 25 -1.94 -1.21 9.88
CA LYS A 25 -0.58 -1.38 9.43
C LYS A 25 -0.47 -0.98 7.97
N GLN A 26 -1.28 -1.67 7.17
CA GLN A 26 -1.55 -1.46 5.75
C GLN A 26 -1.48 0.02 5.39
N GLN A 27 -2.30 0.85 6.03
CA GLN A 27 -2.37 2.26 5.71
C GLN A 27 -1.13 2.99 6.21
N ASN A 28 -0.63 2.62 7.39
CA ASN A 28 0.59 3.19 7.95
C ASN A 28 1.80 2.95 7.06
N LEU A 29 1.85 1.83 6.30
CA LEU A 29 2.93 1.56 5.36
C LEU A 29 3.04 2.70 4.34
N LYS A 30 1.93 2.98 3.66
CA LYS A 30 1.84 3.97 2.60
C LYS A 30 2.14 5.37 3.15
N LYS A 31 1.65 5.65 4.36
CA LYS A 31 1.81 6.92 5.05
C LYS A 31 3.27 7.17 5.41
N GLU A 32 3.91 6.22 6.12
CA GLU A 32 5.28 6.36 6.59
C GLU A 32 6.27 6.36 5.42
N LYS A 33 5.95 5.61 4.35
CA LYS A 33 6.69 5.63 3.09
C LYS A 33 6.51 6.96 2.33
N GLY A 34 5.55 7.80 2.74
CA GLY A 34 5.34 9.11 2.14
C GLY A 34 4.69 9.04 0.76
N LEU A 35 4.09 7.90 0.42
CA LEU A 35 3.48 7.69 -0.88
C LEU A 35 2.13 8.41 -0.94
N PHE A 36 1.28 8.19 0.07
CA PHE A 36 -0.04 8.82 0.15
C PHE A 36 -0.54 8.69 1.59
N LEU A 2 -3.97 8.63 -4.42
CA LEU A 2 -3.40 7.30 -4.43
C LEU A 2 -4.46 6.30 -4.93
N SER A 3 -4.51 6.13 -6.25
CA SER A 3 -5.34 5.15 -6.93
C SER A 3 -4.71 3.76 -6.80
N ILE A 4 -5.45 2.72 -7.23
CA ILE A 4 -4.96 1.36 -7.29
C ILE A 4 -3.74 1.28 -8.23
N GLU A 5 -3.76 2.04 -9.34
CA GLU A 5 -2.66 2.11 -10.27
C GLU A 5 -1.44 2.74 -9.59
N ASP A 6 -1.63 3.92 -8.98
CA ASP A 6 -0.55 4.62 -8.30
C ASP A 6 0.03 3.73 -7.20
N PHE A 7 -0.81 2.98 -6.49
CA PHE A 7 -0.38 2.01 -5.50
C PHE A 7 0.57 0.98 -6.11
N THR A 8 0.11 0.21 -7.11
CA THR A 8 0.87 -0.88 -7.70
C THR A 8 2.21 -0.40 -8.25
N GLN A 9 2.22 0.73 -8.98
CA GLN A 9 3.43 1.31 -9.51
C GLN A 9 4.39 1.74 -8.38
N ALA A 10 3.86 2.38 -7.33
CA ALA A 10 4.66 2.90 -6.22
C ALA A 10 5.27 1.79 -5.37
N PHE A 11 4.56 0.68 -5.18
CA PHE A 11 4.93 -0.37 -4.25
C PHE A 11 5.67 -1.51 -4.94
N GLY A 12 5.25 -1.85 -6.16
CA GLY A 12 5.71 -3.06 -6.84
C GLY A 12 5.04 -4.31 -6.23
N MET A 13 3.85 -4.14 -5.67
CA MET A 13 3.06 -5.19 -5.02
C MET A 13 1.59 -4.97 -5.34
N THR A 14 0.79 -6.00 -5.11
CA THR A 14 -0.66 -6.01 -5.30
C THR A 14 -1.38 -5.48 -4.06
N PRO A 15 -2.50 -4.77 -4.26
CA PRO A 15 -3.37 -4.36 -3.18
C PRO A 15 -3.98 -5.57 -2.49
N ALA A 16 -4.07 -6.73 -3.17
CA ALA A 16 -4.59 -7.95 -2.53
C ALA A 16 -3.58 -8.48 -1.51
N ALA A 17 -2.30 -8.53 -1.88
CA ALA A 17 -1.21 -8.85 -0.94
C ALA A 17 -1.22 -7.87 0.23
N PHE A 18 -1.45 -6.59 -0.06
CA PHE A 18 -1.52 -5.54 0.94
C PHE A 18 -2.64 -5.82 1.94
N SER A 19 -3.84 -6.15 1.44
CA SER A 19 -5.05 -6.38 2.23
C SER A 19 -4.85 -7.51 3.25
N ALA A 20 -4.04 -8.51 2.91
CA ALA A 20 -3.74 -9.65 3.78
C ALA A 20 -3.12 -9.21 5.11
N LEU A 21 -2.38 -8.08 5.14
CA LEU A 21 -1.76 -7.60 6.36
C LEU A 21 -2.81 -6.92 7.25
N PRO A 22 -2.63 -6.86 8.58
CA PRO A 22 -3.45 -6.02 9.44
C PRO A 22 -3.40 -4.57 8.98
N ARG A 23 -4.56 -3.91 9.07
CA ARG A 23 -4.79 -2.57 8.54
C ARG A 23 -3.77 -1.56 9.06
N TRP A 24 -3.42 -1.63 10.36
CA TRP A 24 -2.49 -0.68 10.94
C TRP A 24 -1.14 -0.73 10.22
N LYS A 25 -0.65 -1.95 9.96
CA LYS A 25 0.65 -2.19 9.38
C LYS A 25 0.66 -1.71 7.94
N GLN A 26 -0.23 -2.30 7.16
CA GLN A 26 -0.58 -1.99 5.80
C GLN A 26 -0.50 -0.49 5.54
N GLN A 27 -1.24 0.31 6.29
CA GLN A 27 -1.35 1.72 6.03
C GLN A 27 -0.07 2.43 6.46
N ASN A 28 0.61 1.95 7.51
CA ASN A 28 1.89 2.49 7.93
C ASN A 28 2.95 2.32 6.82
N LEU A 29 2.93 1.20 6.08
CA LEU A 29 3.85 0.99 4.96
C LEU A 29 3.71 2.16 3.96
N LYS A 30 2.47 2.45 3.58
CA LYS A 30 2.10 3.47 2.61
C LYS A 30 2.40 4.87 3.13
N LYS A 31 2.20 5.10 4.43
CA LYS A 31 2.46 6.36 5.10
C LYS A 31 3.96 6.66 5.11
N GLU A 32 4.78 5.68 5.48
CA GLU A 32 6.23 5.78 5.51
C GLU A 32 6.77 6.08 4.11
N LYS A 33 6.29 5.35 3.10
CA LYS A 33 6.62 5.58 1.70
C LYS A 33 6.09 6.93 1.20
N GLY A 34 5.08 7.50 1.86
CA GLY A 34 4.65 8.87 1.61
C GLY A 34 3.68 8.98 0.44
N LEU A 35 3.04 7.88 0.05
CA LEU A 35 2.10 7.87 -1.08
C LEU A 35 0.79 8.51 -0.63
N PHE A 36 0.24 7.95 0.45
CA PHE A 36 -0.96 8.38 1.14
C PHE A 36 -2.21 8.02 0.33
N LEU A 2 -5.59 6.99 -2.54
CA LEU A 2 -5.04 7.04 -3.89
C LEU A 2 -5.74 6.04 -4.82
N SER A 3 -5.42 6.09 -6.11
CA SER A 3 -5.91 5.14 -7.10
C SER A 3 -5.11 3.83 -7.02
N ILE A 4 -5.74 2.71 -7.37
CA ILE A 4 -5.10 1.40 -7.41
C ILE A 4 -3.85 1.43 -8.31
N GLU A 5 -3.88 2.23 -9.39
CA GLU A 5 -2.76 2.38 -10.28
C GLU A 5 -1.58 3.03 -9.55
N ASP A 6 -1.84 4.16 -8.87
CA ASP A 6 -0.82 4.87 -8.11
C ASP A 6 -0.28 4.00 -6.98
N PHE A 7 -1.14 3.20 -6.35
CA PHE A 7 -0.73 2.25 -5.32
C PHE A 7 0.32 1.30 -5.89
N THR A 8 -0.07 0.49 -6.88
CA THR A 8 0.74 -0.58 -7.43
C THR A 8 2.07 -0.07 -7.95
N GLN A 9 2.08 0.98 -8.78
CA GLN A 9 3.30 1.47 -9.41
C GLN A 9 4.31 1.97 -8.38
N ALA A 10 3.84 2.50 -7.24
CA ALA A 10 4.67 3.07 -6.19
C ALA A 10 5.11 2.01 -5.15
N PHE A 11 4.73 0.74 -5.32
CA PHE A 11 4.99 -0.33 -4.36
C PHE A 11 5.72 -1.50 -5.02
N GLY A 12 5.28 -1.90 -6.21
CA GLY A 12 5.71 -3.13 -6.84
C GLY A 12 5.00 -4.33 -6.20
N MET A 13 3.80 -4.10 -5.65
CA MET A 13 2.98 -5.10 -4.98
C MET A 13 1.51 -4.84 -5.32
N THR A 14 0.71 -5.88 -5.09
CA THR A 14 -0.73 -5.90 -5.35
C THR A 14 -1.51 -5.50 -4.10
N PRO A 15 -2.67 -4.83 -4.27
CA PRO A 15 -3.59 -4.56 -3.19
C PRO A 15 -4.15 -5.87 -2.61
N ALA A 16 -4.13 -6.97 -3.37
CA ALA A 16 -4.57 -8.27 -2.85
C ALA A 16 -3.55 -8.77 -1.82
N ALA A 17 -2.25 -8.70 -2.13
CA ALA A 17 -1.20 -9.00 -1.16
C ALA A 17 -1.32 -8.07 0.05
N PHE A 18 -1.54 -6.78 -0.21
CA PHE A 18 -1.60 -5.74 0.79
C PHE A 18 -2.71 -5.99 1.81
N SER A 19 -3.90 -6.37 1.32
CA SER A 19 -5.11 -6.52 2.10
C SER A 19 -4.96 -7.55 3.22
N ALA A 20 -4.11 -8.56 3.01
CA ALA A 20 -3.83 -9.60 3.98
C ALA A 20 -3.30 -9.04 5.30
N LEU A 21 -2.59 -7.89 5.28
CA LEU A 21 -2.01 -7.34 6.49
C LEU A 21 -3.09 -6.62 7.32
N PRO A 22 -2.92 -6.48 8.64
CA PRO A 22 -3.78 -5.61 9.44
C PRO A 22 -3.73 -4.18 8.93
N ARG A 23 -4.90 -3.52 8.96
CA ARG A 23 -5.13 -2.19 8.45
C ARG A 23 -4.07 -1.19 8.94
N TRP A 24 -3.76 -1.20 10.24
CA TRP A 24 -2.84 -0.23 10.80
C TRP A 24 -1.48 -0.31 10.10
N LYS A 25 -1.01 -1.55 9.89
CA LYS A 25 0.30 -1.80 9.31
C LYS A 25 0.28 -1.38 7.86
N GLN A 26 -0.62 -2.00 7.11
CA GLN A 26 -0.91 -1.77 5.71
C GLN A 26 -0.85 -0.29 5.36
N GLN A 27 -1.59 0.55 6.09
CA GLN A 27 -1.66 1.96 5.80
C GLN A 27 -0.37 2.67 6.22
N ASN A 28 0.24 2.26 7.35
CA ASN A 28 1.52 2.77 7.80
C ASN A 28 2.61 2.55 6.74
N LEU A 29 2.60 1.43 6.00
CA LEU A 29 3.57 1.17 4.94
C LEU A 29 3.53 2.31 3.90
N LYS A 30 2.33 2.53 3.35
CA LYS A 30 2.02 3.50 2.30
C LYS A 30 2.30 4.93 2.77
N LYS A 31 1.97 5.21 4.05
CA LYS A 31 2.16 6.51 4.68
C LYS A 31 3.66 6.81 4.85
N GLU A 32 4.43 5.88 5.44
CA GLU A 32 5.87 6.03 5.62
C GLU A 32 6.57 6.20 4.27
N LYS A 33 6.18 5.41 3.27
CA LYS A 33 6.69 5.53 1.90
C LYS A 33 6.32 6.87 1.25
N GLY A 34 5.29 7.56 1.75
CA GLY A 34 4.95 8.91 1.34
C GLY A 34 4.00 8.94 0.14
N LEU A 35 3.32 7.82 -0.15
CA LEU A 35 2.37 7.71 -1.24
C LEU A 35 1.09 8.45 -0.84
N PHE A 36 0.48 7.98 0.25
CA PHE A 36 -0.75 8.52 0.80
C PHE A 36 -0.85 8.07 2.26
N LEU A 2 -8.37 5.19 -1.86
CA LEU A 2 -7.19 4.90 -2.65
C LEU A 2 -7.56 4.13 -3.90
N SER A 3 -7.26 4.71 -5.07
CA SER A 3 -7.34 4.01 -6.34
C SER A 3 -6.25 2.95 -6.40
N ILE A 4 -6.62 1.71 -6.75
CA ILE A 4 -5.73 0.58 -6.89
C ILE A 4 -4.55 0.92 -7.82
N GLU A 5 -4.77 1.81 -8.79
CA GLU A 5 -3.75 2.22 -9.73
C GLU A 5 -2.64 2.97 -9.01
N ASP A 6 -2.99 3.98 -8.21
CA ASP A 6 -2.00 4.70 -7.41
C ASP A 6 -1.24 3.73 -6.52
N PHE A 7 -1.94 2.79 -5.88
CA PHE A 7 -1.29 1.79 -5.04
C PHE A 7 -0.18 1.06 -5.80
N THR A 8 -0.55 0.34 -6.87
CA THR A 8 0.32 -0.53 -7.62
C THR A 8 1.53 0.25 -8.16
N GLN A 9 1.30 1.41 -8.78
CA GLN A 9 2.36 2.22 -9.35
C GLN A 9 3.29 2.77 -8.26
N ALA A 10 2.74 3.18 -7.11
CA ALA A 10 3.52 3.79 -6.04
C ALA A 10 4.37 2.76 -5.29
N PHE A 11 3.86 1.55 -5.10
CA PHE A 11 4.50 0.52 -4.28
C PHE A 11 5.32 -0.47 -5.11
N GLY A 12 4.74 -0.95 -6.22
CA GLY A 12 5.28 -2.05 -6.98
C GLY A 12 4.92 -3.40 -6.34
N MET A 13 3.80 -3.45 -5.60
CA MET A 13 3.26 -4.64 -4.96
C MET A 13 1.80 -4.79 -5.38
N THR A 14 1.23 -5.96 -5.06
CA THR A 14 -0.18 -6.26 -5.25
C THR A 14 -1.02 -5.66 -4.13
N PRO A 15 -2.21 -5.13 -4.45
CA PRO A 15 -3.17 -4.69 -3.45
C PRO A 15 -3.69 -5.88 -2.66
N ALA A 16 -3.59 -7.13 -3.16
CA ALA A 16 -4.00 -8.30 -2.39
C ALA A 16 -3.02 -8.53 -1.23
N ALA A 17 -1.71 -8.47 -1.51
CA ALA A 17 -0.67 -8.53 -0.50
C ALA A 17 -0.88 -7.45 0.57
N PHE A 18 -1.20 -6.24 0.11
CA PHE A 18 -1.49 -5.11 1.00
C PHE A 18 -2.70 -5.43 1.87
N SER A 19 -3.80 -5.89 1.24
CA SER A 19 -5.10 -6.11 1.85
C SER A 19 -5.06 -7.21 2.92
N ALA A 20 -4.13 -8.16 2.79
CA ALA A 20 -3.92 -9.22 3.76
C ALA A 20 -3.70 -8.66 5.18
N LEU A 21 -3.08 -7.48 5.29
CA LEU A 21 -2.79 -6.87 6.59
C LEU A 21 -3.99 -6.05 7.06
N PRO A 22 -4.13 -5.75 8.37
CA PRO A 22 -5.11 -4.79 8.85
C PRO A 22 -4.89 -3.43 8.17
N ARG A 23 -6.01 -2.78 7.84
CA ARG A 23 -6.08 -1.58 7.02
C ARG A 23 -5.21 -0.44 7.56
N TRP A 24 -5.05 -0.33 8.89
CA TRP A 24 -4.24 0.74 9.49
C TRP A 24 -2.76 0.50 9.25
N LYS A 25 -2.29 -0.74 9.43
CA LYS A 25 -0.88 -1.10 9.32
C LYS A 25 -0.44 -0.93 7.88
N GLN A 26 -1.27 -1.51 7.01
CA GLN A 26 -1.27 -1.36 5.57
C GLN A 26 -1.10 0.11 5.19
N GLN A 27 -1.94 1.01 5.70
CA GLN A 27 -1.87 2.41 5.34
C GLN A 27 -0.56 3.01 5.86
N ASN A 28 -0.21 2.71 7.11
CA ASN A 28 1.05 3.08 7.76
C ASN A 28 2.26 2.69 6.92
N LEU A 29 2.23 1.58 6.16
CA LEU A 29 3.32 1.25 5.23
C LEU A 29 3.50 2.40 4.22
N LYS A 30 2.39 2.76 3.55
CA LYS A 30 2.33 3.80 2.54
C LYS A 30 2.78 5.15 3.10
N LYS A 31 2.33 5.47 4.31
CA LYS A 31 2.64 6.72 5.00
C LYS A 31 4.11 6.81 5.37
N GLU A 32 4.66 5.79 6.03
CA GLU A 32 6.07 5.73 6.42
C GLU A 32 6.98 5.77 5.19
N LYS A 33 6.61 5.07 4.12
CA LYS A 33 7.34 5.06 2.85
C LYS A 33 7.28 6.42 2.14
N GLY A 34 6.40 7.33 2.58
CA GLY A 34 6.26 8.66 2.01
C GLY A 34 5.36 8.68 0.77
N LEU A 35 4.67 7.56 0.49
CA LEU A 35 3.71 7.44 -0.60
C LEU A 35 2.35 7.99 -0.18
N PHE A 36 2.06 8.00 1.13
CA PHE A 36 0.89 8.57 1.79
C PHE A 36 -0.37 7.70 1.65
N LEU A 2 -7.22 6.29 -2.81
CA LEU A 2 -6.10 5.88 -3.64
C LEU A 2 -6.61 4.95 -4.73
N SER A 3 -6.25 5.23 -5.99
CA SER A 3 -6.52 4.34 -7.10
C SER A 3 -5.55 3.16 -7.07
N ILE A 4 -6.04 1.96 -7.40
CA ILE A 4 -5.27 0.72 -7.39
C ILE A 4 -4.02 0.86 -8.27
N GLU A 5 -4.13 1.63 -9.37
CA GLU A 5 -3.02 1.82 -10.29
C GLU A 5 -1.92 2.63 -9.63
N ASP A 6 -2.27 3.72 -8.95
CA ASP A 6 -1.32 4.54 -8.21
C ASP A 6 -0.69 3.74 -7.07
N PHE A 7 -1.48 2.87 -6.42
CA PHE A 7 -0.94 1.96 -5.40
C PHE A 7 0.18 1.10 -5.99
N THR A 8 -0.15 0.26 -6.98
CA THR A 8 0.73 -0.74 -7.54
C THR A 8 2.03 -0.13 -8.05
N GLN A 9 1.95 0.94 -8.86
CA GLN A 9 3.15 1.57 -9.41
C GLN A 9 4.05 2.16 -8.32
N ALA A 10 3.49 2.54 -7.18
CA ALA A 10 4.23 3.14 -6.07
C ALA A 10 4.72 2.10 -5.06
N PHE A 11 4.74 0.80 -5.41
CA PHE A 11 5.10 -0.26 -4.48
C PHE A 11 5.80 -1.42 -5.18
N GLY A 12 5.30 -1.84 -6.35
CA GLY A 12 5.72 -3.05 -7.01
C GLY A 12 5.12 -4.28 -6.30
N MET A 13 3.98 -4.13 -5.64
CA MET A 13 3.24 -5.18 -4.96
C MET A 13 1.76 -5.06 -5.32
N THR A 14 1.02 -6.14 -5.04
CA THR A 14 -0.41 -6.24 -5.25
C THR A 14 -1.19 -5.61 -4.10
N PRO A 15 -2.35 -5.00 -4.40
CA PRO A 15 -3.27 -4.52 -3.40
C PRO A 15 -3.88 -5.69 -2.61
N ALA A 16 -3.88 -6.91 -3.17
CA ALA A 16 -4.36 -8.08 -2.44
C ALA A 16 -3.37 -8.46 -1.35
N ALA A 17 -2.07 -8.51 -1.68
CA ALA A 17 -0.99 -8.70 -0.71
C ALA A 17 -1.04 -7.62 0.36
N PHE A 18 -1.29 -6.37 -0.05
CA PHE A 18 -1.44 -5.25 0.86
C PHE A 18 -2.60 -5.52 1.82
N SER A 19 -3.77 -5.88 1.27
CA SER A 19 -5.01 -6.08 2.00
C SER A 19 -4.91 -7.21 3.02
N ALA A 20 -4.06 -8.21 2.76
CA ALA A 20 -3.81 -9.32 3.67
C ALA A 20 -3.32 -8.84 5.04
N LEU A 21 -2.58 -7.73 5.09
CA LEU A 21 -2.10 -7.18 6.36
C LEU A 21 -3.24 -6.40 7.04
N PRO A 22 -3.21 -6.23 8.38
CA PRO A 22 -4.12 -5.31 9.05
C PRO A 22 -4.00 -3.92 8.46
N ARG A 23 -5.16 -3.26 8.30
CA ARG A 23 -5.31 -1.99 7.61
C ARG A 23 -4.39 -0.90 8.15
N TRP A 24 -4.16 -0.88 9.47
CA TRP A 24 -3.29 0.13 10.07
C TRP A 24 -1.86 -0.01 9.56
N LYS A 25 -1.34 -1.24 9.52
CA LYS A 25 0.04 -1.54 9.19
C LYS A 25 0.28 -1.23 7.73
N GLN A 26 -0.56 -1.83 6.90
CA GLN A 26 -0.74 -1.60 5.48
C GLN A 26 -0.58 -0.12 5.13
N GLN A 27 -1.38 0.76 5.76
CA GLN A 27 -1.33 2.17 5.46
C GLN A 27 -0.03 2.78 6.00
N ASN A 28 0.40 2.36 7.19
CA ASN A 28 1.65 2.79 7.80
C ASN A 28 2.86 2.56 6.86
N LEU A 29 2.88 1.48 6.09
CA LEU A 29 3.93 1.22 5.10
C LEU A 29 4.04 2.41 4.14
N LYS A 30 2.92 2.72 3.50
CA LYS A 30 2.77 3.73 2.46
C LYS A 30 2.98 5.14 3.00
N LYS A 31 2.56 5.37 4.26
CA LYS A 31 2.67 6.65 4.94
C LYS A 31 4.12 6.93 5.30
N GLU A 32 4.83 5.95 5.88
CA GLU A 32 6.24 6.06 6.21
C GLU A 32 7.09 6.26 4.95
N LYS A 33 6.73 5.60 3.84
CA LYS A 33 7.36 5.84 2.55
C LYS A 33 7.11 7.26 2.03
N GLY A 34 6.09 7.96 2.55
CA GLY A 34 5.81 9.36 2.23
C GLY A 34 4.83 9.51 1.06
N LEU A 35 4.09 8.45 0.72
CA LEU A 35 3.14 8.44 -0.37
C LEU A 35 1.80 8.95 0.18
N PHE A 36 1.18 8.16 1.06
CA PHE A 36 -0.08 8.48 1.72
C PHE A 36 -0.25 7.54 2.91
N LEU A 2 -4.67 8.49 -3.95
CA LEU A 2 -4.01 7.19 -4.10
C LEU A 2 -5.00 6.23 -4.76
N SER A 3 -4.77 5.92 -6.04
CA SER A 3 -5.51 4.91 -6.77
C SER A 3 -4.81 3.56 -6.65
N ILE A 4 -5.52 2.46 -6.93
CA ILE A 4 -4.96 1.12 -6.97
C ILE A 4 -3.81 1.09 -7.98
N GLU A 5 -3.95 1.79 -9.11
CA GLU A 5 -2.94 1.87 -10.16
C GLU A 5 -1.68 2.58 -9.64
N ASP A 6 -1.84 3.73 -8.97
CA ASP A 6 -0.72 4.44 -8.39
C ASP A 6 -0.02 3.58 -7.34
N PHE A 7 -0.79 2.90 -6.49
CA PHE A 7 -0.28 2.01 -5.46
C PHE A 7 0.62 0.92 -6.07
N THR A 8 0.09 0.12 -7.00
CA THR A 8 0.80 -0.98 -7.61
C THR A 8 2.10 -0.51 -8.26
N GLN A 9 2.05 0.58 -9.03
CA GLN A 9 3.23 1.17 -9.64
C GLN A 9 4.25 1.60 -8.59
N ALA A 10 3.80 2.26 -7.52
CA ALA A 10 4.67 2.81 -6.50
C ALA A 10 5.36 1.72 -5.67
N PHE A 11 4.66 0.61 -5.39
CA PHE A 11 5.10 -0.38 -4.43
C PHE A 11 5.75 -1.58 -5.13
N GLY A 12 5.26 -1.93 -6.32
CA GLY A 12 5.64 -3.17 -6.99
C GLY A 12 5.01 -4.38 -6.29
N MET A 13 3.87 -4.19 -5.64
CA MET A 13 3.14 -5.22 -4.92
C MET A 13 1.65 -5.08 -5.20
N THR A 14 0.93 -6.17 -4.95
CA THR A 14 -0.49 -6.34 -5.21
C THR A 14 -1.34 -5.92 -4.00
N PRO A 15 -2.52 -5.32 -4.22
CA PRO A 15 -3.51 -5.09 -3.19
C PRO A 15 -3.86 -6.38 -2.44
N ALA A 16 -3.75 -7.56 -3.11
CA ALA A 16 -4.04 -8.83 -2.47
C ALA A 16 -2.99 -9.13 -1.40
N ALA A 17 -1.70 -9.01 -1.76
CA ALA A 17 -0.60 -9.15 -0.81
C ALA A 17 -0.72 -8.13 0.32
N PHE A 18 -1.08 -6.89 -0.03
CA PHE A 18 -1.23 -5.80 0.92
C PHE A 18 -2.33 -6.12 1.93
N SER A 19 -3.50 -6.57 1.45
CA SER A 19 -4.70 -6.79 2.24
C SER A 19 -4.50 -7.85 3.32
N ALA A 20 -3.61 -8.82 3.07
CA ALA A 20 -3.25 -9.86 4.02
C ALA A 20 -2.74 -9.28 5.35
N LEU A 21 -2.07 -8.12 5.31
CA LEU A 21 -1.55 -7.49 6.53
C LEU A 21 -2.68 -6.80 7.28
N PRO A 22 -2.60 -6.65 8.62
CA PRO A 22 -3.51 -5.80 9.36
C PRO A 22 -3.49 -4.37 8.82
N ARG A 23 -4.67 -3.74 8.82
CA ARG A 23 -4.92 -2.40 8.31
C ARG A 23 -3.90 -1.39 8.80
N TRP A 24 -3.63 -1.38 10.12
CA TRP A 24 -2.74 -0.39 10.70
C TRP A 24 -1.37 -0.44 10.02
N LYS A 25 -0.83 -1.65 9.84
CA LYS A 25 0.49 -1.86 9.31
C LYS A 25 0.53 -1.45 7.86
N GLN A 26 -0.37 -2.05 7.08
CA GLN A 26 -0.61 -1.85 5.67
C GLN A 26 -0.58 -0.36 5.31
N GLN A 27 -1.34 0.46 6.04
CA GLN A 27 -1.45 1.88 5.78
C GLN A 27 -0.18 2.60 6.26
N ASN A 28 0.37 2.17 7.41
CA ASN A 28 1.64 2.68 7.93
C ASN A 28 2.81 2.46 6.96
N LEU A 29 2.81 1.38 6.15
CA LEU A 29 3.83 1.21 5.11
C LEU A 29 3.79 2.40 4.16
N LYS A 30 2.60 2.65 3.61
CA LYS A 30 2.29 3.63 2.59
C LYS A 30 2.58 5.05 3.12
N LYS A 31 2.27 5.29 4.39
CA LYS A 31 2.47 6.57 5.06
C LYS A 31 3.93 6.83 5.43
N GLU A 32 4.62 5.86 6.04
CA GLU A 32 6.04 6.00 6.37
C GLU A 32 6.89 6.17 5.10
N LYS A 33 6.51 5.47 4.02
CA LYS A 33 7.14 5.63 2.72
C LYS A 33 6.92 7.04 2.17
N GLY A 34 5.86 7.73 2.61
CA GLY A 34 5.53 9.07 2.18
C GLY A 34 4.72 9.05 0.88
N LEU A 35 4.13 7.91 0.51
CA LEU A 35 3.32 7.79 -0.68
C LEU A 35 1.98 8.47 -0.43
N PHE A 36 1.17 7.90 0.46
CA PHE A 36 -0.10 8.46 0.89
C PHE A 36 -0.51 7.86 2.23
N LEU A 2 -4.49 8.31 -4.67
CA LEU A 2 -4.07 6.93 -4.56
C LEU A 2 -5.06 6.01 -5.28
N SER A 3 -4.87 5.83 -6.59
CA SER A 3 -5.58 4.83 -7.37
C SER A 3 -4.90 3.48 -7.17
N ILE A 4 -5.59 2.39 -7.54
CA ILE A 4 -5.03 1.05 -7.54
C ILE A 4 -3.77 1.02 -8.42
N GLU A 5 -3.80 1.76 -9.54
CA GLU A 5 -2.65 1.90 -10.41
C GLU A 5 -1.48 2.57 -9.70
N ASP A 6 -1.71 3.76 -9.13
CA ASP A 6 -0.67 4.48 -8.40
C ASP A 6 -0.06 3.61 -7.30
N PHE A 7 -0.91 2.89 -6.55
CA PHE A 7 -0.48 1.97 -5.52
C PHE A 7 0.50 0.93 -6.07
N THR A 8 0.06 0.12 -7.05
CA THR A 8 0.82 -0.98 -7.60
C THR A 8 2.14 -0.50 -8.19
N GLN A 9 2.11 0.56 -9.01
CA GLN A 9 3.31 1.04 -9.67
C GLN A 9 4.29 1.68 -8.68
N ALA A 10 3.80 2.36 -7.64
CA ALA A 10 4.66 3.00 -6.66
C ALA A 10 5.40 1.98 -5.79
N PHE A 11 4.73 0.87 -5.43
CA PHE A 11 5.25 -0.08 -4.45
C PHE A 11 5.92 -1.26 -5.15
N GLY A 12 5.30 -1.76 -6.22
CA GLY A 12 5.69 -2.99 -6.88
C GLY A 12 5.02 -4.21 -6.25
N MET A 13 3.83 -4.03 -5.65
CA MET A 13 3.08 -5.11 -5.00
C MET A 13 1.59 -4.98 -5.28
N THR A 14 0.87 -6.10 -5.18
CA THR A 14 -0.58 -6.15 -5.29
C THR A 14 -1.24 -5.55 -4.04
N PRO A 15 -2.39 -4.86 -4.21
CA PRO A 15 -3.20 -4.40 -3.10
C PRO A 15 -3.83 -5.59 -2.35
N ALA A 16 -3.91 -6.77 -2.97
CA ALA A 16 -4.40 -7.97 -2.27
C ALA A 16 -3.35 -8.43 -1.25
N ALA A 17 -2.08 -8.48 -1.66
CA ALA A 17 -0.97 -8.77 -0.75
C ALA A 17 -0.90 -7.72 0.36
N PHE A 18 -1.14 -6.45 0.01
CA PHE A 18 -1.20 -5.37 0.98
C PHE A 18 -2.31 -5.63 1.99
N SER A 19 -3.52 -5.96 1.50
CA SER A 19 -4.71 -6.23 2.31
C SER A 19 -4.50 -7.40 3.27
N ALA A 20 -3.69 -8.39 2.87
CA ALA A 20 -3.39 -9.55 3.71
C ALA A 20 -2.72 -9.16 5.02
N LEU A 21 -1.95 -8.05 5.05
CA LEU A 21 -1.34 -7.58 6.29
C LEU A 21 -2.41 -6.94 7.18
N PRO A 22 -2.23 -6.87 8.50
CA PRO A 22 -3.10 -6.08 9.36
C PRO A 22 -3.14 -4.63 8.88
N ARG A 23 -4.34 -4.05 8.89
CA ARG A 23 -4.66 -2.76 8.31
C ARG A 23 -3.76 -1.64 8.86
N TRP A 24 -3.38 -1.70 10.14
CA TRP A 24 -2.51 -0.68 10.72
C TRP A 24 -1.16 -0.67 10.02
N LYS A 25 -0.57 -1.86 9.82
CA LYS A 25 0.78 -2.03 9.31
C LYS A 25 0.83 -1.59 7.86
N GLN A 26 -0.03 -2.20 7.07
CA GLN A 26 -0.38 -1.87 5.71
C GLN A 26 -0.36 -0.37 5.46
N GLN A 27 -1.15 0.39 6.24
CA GLN A 27 -1.28 1.82 6.03
C GLN A 27 0.00 2.51 6.47
N ASN A 28 0.58 2.09 7.61
CA ASN A 28 1.88 2.54 8.09
C ASN A 28 2.95 2.42 7.00
N LEU A 29 2.95 1.39 6.15
CA LEU A 29 3.90 1.28 5.05
C LEU A 29 3.76 2.49 4.13
N LYS A 30 2.54 2.70 3.61
CA LYS A 30 2.21 3.73 2.64
C LYS A 30 2.47 5.14 3.20
N LYS A 31 2.20 5.31 4.50
CA LYS A 31 2.38 6.56 5.22
C LYS A 31 3.87 6.86 5.45
N GLU A 32 4.60 5.92 6.07
CA GLU A 32 6.00 6.11 6.46
C GLU A 32 6.92 6.20 5.24
N LYS A 33 6.54 5.54 4.15
CA LYS A 33 7.20 5.69 2.85
C LYS A 33 7.04 7.12 2.31
N GLY A 34 5.97 7.82 2.68
CA GLY A 34 5.64 9.13 2.16
C GLY A 34 4.88 9.03 0.84
N LEU A 35 4.32 7.86 0.52
CA LEU A 35 3.57 7.63 -0.71
C LEU A 35 2.17 8.22 -0.55
N PHE A 36 1.42 7.69 0.43
CA PHE A 36 0.08 8.09 0.83
C PHE A 36 -0.99 7.58 -0.13
N LEU A 2 -7.32 6.12 -3.00
CA LEU A 2 -6.17 5.68 -3.78
C LEU A 2 -6.64 4.69 -4.86
N SER A 3 -6.37 5.00 -6.13
CA SER A 3 -6.58 4.06 -7.22
C SER A 3 -5.59 2.90 -7.09
N ILE A 4 -6.06 1.68 -7.39
CA ILE A 4 -5.24 0.48 -7.39
C ILE A 4 -4.04 0.66 -8.32
N GLU A 5 -4.21 1.45 -9.39
CA GLU A 5 -3.17 1.71 -10.37
C GLU A 5 -2.04 2.50 -9.74
N ASP A 6 -2.36 3.62 -9.09
CA ASP A 6 -1.36 4.41 -8.39
C ASP A 6 -0.70 3.59 -7.29
N PHE A 7 -1.48 2.77 -6.57
CA PHE A 7 -0.93 1.87 -5.56
C PHE A 7 0.17 0.98 -6.13
N THR A 8 -0.15 0.14 -7.12
CA THR A 8 0.75 -0.83 -7.71
C THR A 8 2.01 -0.17 -8.24
N GLN A 9 1.87 0.95 -8.96
CA GLN A 9 2.99 1.71 -9.49
C GLN A 9 3.88 2.25 -8.36
N ALA A 10 3.29 2.79 -7.30
CA ALA A 10 4.02 3.43 -6.22
C ALA A 10 4.75 2.40 -5.35
N PHE A 11 4.15 1.22 -5.15
CA PHE A 11 4.67 0.22 -4.24
C PHE A 11 5.55 -0.82 -4.93
N GLY A 12 5.13 -1.26 -6.11
CA GLY A 12 5.74 -2.40 -6.79
C GLY A 12 5.28 -3.73 -6.19
N MET A 13 4.07 -3.75 -5.61
CA MET A 13 3.46 -4.94 -5.03
C MET A 13 1.98 -4.97 -5.40
N THR A 14 1.36 -6.12 -5.19
CA THR A 14 -0.07 -6.34 -5.36
C THR A 14 -0.85 -5.72 -4.22
N PRO A 15 -2.04 -5.15 -4.51
CA PRO A 15 -2.96 -4.68 -3.50
C PRO A 15 -3.55 -5.85 -2.72
N ALA A 16 -3.52 -7.09 -3.26
CA ALA A 16 -3.99 -8.25 -2.52
C ALA A 16 -3.02 -8.58 -1.38
N ALA A 17 -1.71 -8.62 -1.69
CA ALA A 17 -0.66 -8.78 -0.71
C ALA A 17 -0.77 -7.69 0.36
N PHE A 18 -0.95 -6.45 -0.08
CA PHE A 18 -1.12 -5.31 0.81
C PHE A 18 -2.33 -5.52 1.73
N SER A 19 -3.48 -5.88 1.13
CA SER A 19 -4.77 -5.99 1.79
C SER A 19 -4.76 -7.04 2.90
N ALA A 20 -4.03 -8.13 2.69
CA ALA A 20 -3.90 -9.23 3.63
C ALA A 20 -3.41 -8.80 5.01
N LEU A 21 -2.62 -7.73 5.08
CA LEU A 21 -2.08 -7.25 6.36
C LEU A 21 -3.18 -6.58 7.18
N PRO A 22 -3.04 -6.45 8.51
CA PRO A 22 -3.93 -5.61 9.31
C PRO A 22 -3.91 -4.18 8.78
N ARG A 23 -5.09 -3.56 8.73
CA ARG A 23 -5.33 -2.28 8.11
C ARG A 23 -4.40 -1.18 8.64
N TRP A 24 -4.07 -1.21 9.93
CA TRP A 24 -3.19 -0.21 10.52
C TRP A 24 -1.80 -0.29 9.88
N LYS A 25 -1.26 -1.50 9.75
CA LYS A 25 0.09 -1.74 9.31
C LYS A 25 0.22 -1.33 7.86
N GLN A 26 -0.65 -1.92 7.05
CA GLN A 26 -0.92 -1.63 5.66
C GLN A 26 -0.78 -0.14 5.36
N GLN A 27 -1.56 0.71 6.05
CA GLN A 27 -1.60 2.12 5.77
C GLN A 27 -0.30 2.77 6.24
N ASN A 28 0.23 2.31 7.39
CA ASN A 28 1.50 2.78 7.92
C ASN A 28 2.65 2.50 6.95
N LEU A 29 2.60 1.43 6.13
CA LEU A 29 3.60 1.18 5.09
C LEU A 29 3.64 2.36 4.12
N LYS A 30 2.47 2.72 3.58
CA LYS A 30 2.32 3.79 2.61
C LYS A 30 2.79 5.12 3.19
N LYS A 31 2.45 5.38 4.45
CA LYS A 31 2.85 6.58 5.17
C LYS A 31 4.37 6.65 5.29
N GLU A 32 5.00 5.65 5.92
CA GLU A 32 6.42 5.70 6.26
C GLU A 32 7.30 5.71 5.02
N LYS A 33 6.87 5.07 3.92
CA LYS A 33 7.59 5.11 2.66
C LYS A 33 7.62 6.52 2.06
N GLY A 34 6.62 7.35 2.39
CA GLY A 34 6.49 8.72 1.92
C GLY A 34 5.53 8.84 0.73
N LEU A 35 4.70 7.82 0.49
CA LEU A 35 3.67 7.84 -0.54
C LEU A 35 2.45 8.56 0.03
N PHE A 36 2.00 8.08 1.19
CA PHE A 36 0.84 8.51 1.96
C PHE A 36 -0.44 8.65 1.11
N LEU A 2 -4.37 6.88 -2.48
CA LEU A 2 -4.21 6.71 -3.92
C LEU A 2 -5.03 5.52 -4.42
N SER A 3 -5.16 5.39 -5.75
CA SER A 3 -5.90 4.31 -6.39
C SER A 3 -5.05 3.04 -6.49
N ILE A 4 -5.69 1.89 -6.73
CA ILE A 4 -5.07 0.59 -6.86
C ILE A 4 -3.93 0.63 -7.89
N GLU A 5 -4.13 1.36 -9.00
CA GLU A 5 -3.14 1.49 -10.05
C GLU A 5 -1.91 2.25 -9.53
N ASP A 6 -2.15 3.41 -8.92
CA ASP A 6 -1.08 4.23 -8.35
C ASP A 6 -0.36 3.44 -7.24
N PHE A 7 -1.07 2.61 -6.48
CA PHE A 7 -0.48 1.75 -5.47
C PHE A 7 0.55 0.81 -6.11
N THR A 8 0.12 -0.04 -7.04
CA THR A 8 0.97 -1.01 -7.70
C THR A 8 2.20 -0.33 -8.33
N GLN A 9 2.00 0.80 -9.00
CA GLN A 9 3.08 1.58 -9.59
C GLN A 9 4.07 2.06 -8.53
N ALA A 10 3.57 2.65 -7.44
CA ALA A 10 4.39 3.31 -6.44
C ALA A 10 5.11 2.31 -5.52
N PHE A 11 4.55 1.13 -5.31
CA PHE A 11 5.09 0.11 -4.41
C PHE A 11 5.90 -0.93 -5.17
N GLY A 12 5.35 -1.42 -6.29
CA GLY A 12 5.88 -2.57 -7.01
C GLY A 12 5.47 -3.87 -6.33
N MET A 13 4.33 -3.87 -5.61
CA MET A 13 3.76 -5.04 -4.94
C MET A 13 2.27 -5.12 -5.24
N THR A 14 1.72 -6.30 -4.97
CA THR A 14 0.33 -6.65 -5.21
C THR A 14 -0.59 -6.09 -4.10
N PRO A 15 -1.79 -5.62 -4.47
CA PRO A 15 -2.83 -5.28 -3.51
C PRO A 15 -3.16 -6.48 -2.61
N ALA A 16 -2.99 -7.71 -3.08
CA ALA A 16 -3.32 -8.90 -2.30
C ALA A 16 -2.32 -9.08 -1.15
N ALA A 17 -1.01 -8.97 -1.46
CA ALA A 17 0.04 -9.00 -0.46
C ALA A 17 -0.18 -7.92 0.59
N PHE A 18 -0.53 -6.71 0.14
CA PHE A 18 -0.86 -5.60 1.01
C PHE A 18 -2.05 -5.97 1.91
N SER A 19 -3.13 -6.46 1.29
CA SER A 19 -4.43 -6.71 1.90
C SER A 19 -4.33 -7.71 3.05
N ALA A 20 -3.47 -8.72 2.90
CA ALA A 20 -3.22 -9.75 3.90
C ALA A 20 -2.88 -9.18 5.28
N LEU A 21 -2.25 -7.99 5.33
CA LEU A 21 -1.83 -7.38 6.59
C LEU A 21 -3.01 -6.66 7.26
N PRO A 22 -3.00 -6.47 8.59
CA PRO A 22 -3.96 -5.60 9.25
C PRO A 22 -3.87 -4.18 8.70
N ARG A 23 -5.04 -3.52 8.61
CA ARG A 23 -5.23 -2.18 8.08
C ARG A 23 -4.22 -1.18 8.63
N TRP A 24 -4.02 -1.16 9.95
CA TRP A 24 -3.15 -0.17 10.57
C TRP A 24 -1.73 -0.26 9.98
N LYS A 25 -1.23 -1.49 9.86
CA LYS A 25 0.13 -1.75 9.42
C LYS A 25 0.25 -1.38 7.94
N GLN A 26 -0.63 -1.98 7.15
CA GLN A 26 -0.79 -1.81 5.73
C GLN A 26 -0.69 -0.34 5.33
N GLN A 27 -1.50 0.52 5.97
CA GLN A 27 -1.54 1.93 5.63
C GLN A 27 -0.28 2.64 6.13
N ASN A 28 0.25 2.22 7.29
CA ASN A 28 1.50 2.76 7.82
C ASN A 28 2.68 2.44 6.89
N LEU A 29 2.67 1.32 6.15
CA LEU A 29 3.72 1.02 5.17
C LEU A 29 3.82 2.17 4.17
N LYS A 30 2.68 2.53 3.58
CA LYS A 30 2.56 3.54 2.53
C LYS A 30 3.00 4.92 3.04
N LYS A 31 2.66 5.23 4.29
CA LYS A 31 3.03 6.47 4.93
C LYS A 31 4.54 6.54 5.17
N GLU A 32 5.12 5.48 5.77
CA GLU A 32 6.55 5.37 6.03
C GLU A 32 7.35 5.46 4.73
N LYS A 33 6.85 4.82 3.65
CA LYS A 33 7.48 4.85 2.34
C LYS A 33 7.48 6.26 1.72
N GLY A 34 6.66 7.17 2.25
CA GLY A 34 6.58 8.56 1.81
C GLY A 34 5.59 8.74 0.66
N LEU A 35 4.71 7.75 0.43
CA LEU A 35 3.66 7.85 -0.58
C LEU A 35 2.50 8.64 0.02
N PHE A 36 1.75 8.02 0.94
CA PHE A 36 0.58 8.60 1.58
C PHE A 36 0.36 7.92 2.94
N LEU A 2 -4.96 8.15 -4.81
CA LEU A 2 -4.22 6.96 -5.19
C LEU A 2 -5.17 5.99 -5.90
N SER A 3 -5.05 5.90 -7.24
CA SER A 3 -5.73 4.88 -8.01
C SER A 3 -5.10 3.50 -7.73
N ILE A 4 -5.76 2.43 -8.19
CA ILE A 4 -5.22 1.09 -8.13
C ILE A 4 -3.86 1.06 -8.86
N GLU A 5 -3.74 1.84 -9.94
CA GLU A 5 -2.55 1.91 -10.77
C GLU A 5 -1.41 2.56 -9.97
N ASP A 6 -1.71 3.69 -9.32
CA ASP A 6 -0.76 4.37 -8.45
C ASP A 6 -0.29 3.39 -7.36
N PHE A 7 -1.21 2.58 -6.82
CA PHE A 7 -0.91 1.57 -5.80
C PHE A 7 0.17 0.62 -6.31
N THR A 8 -0.09 -0.06 -7.43
CA THR A 8 0.77 -1.07 -7.99
C THR A 8 2.16 -0.51 -8.35
N GLN A 9 2.23 0.63 -9.03
CA GLN A 9 3.51 1.20 -9.43
C GLN A 9 4.32 1.71 -8.22
N ALA A 10 3.63 2.16 -7.16
CA ALA A 10 4.30 2.67 -5.96
C ALA A 10 5.04 1.56 -5.22
N PHE A 11 4.49 0.35 -5.21
CA PHE A 11 4.97 -0.72 -4.33
C PHE A 11 5.68 -1.83 -5.12
N GLY A 12 5.18 -2.13 -6.32
CA GLY A 12 5.59 -3.31 -7.07
C GLY A 12 4.87 -4.56 -6.55
N MET A 13 3.67 -4.38 -5.97
CA MET A 13 2.87 -5.44 -5.38
C MET A 13 1.39 -5.16 -5.64
N THR A 14 0.58 -6.20 -5.46
CA THR A 14 -0.87 -6.17 -5.63
C THR A 14 -1.54 -5.59 -4.39
N PRO A 15 -2.66 -4.88 -4.55
CA PRO A 15 -3.52 -4.52 -3.44
C PRO A 15 -4.01 -5.76 -2.68
N ALA A 16 -3.93 -6.97 -3.28
CA ALA A 16 -4.46 -8.19 -2.66
C ALA A 16 -3.53 -8.65 -1.55
N ALA A 17 -2.25 -8.84 -1.86
CA ALA A 17 -1.21 -9.10 -0.88
C ALA A 17 -1.21 -8.02 0.21
N PHE A 18 -1.37 -6.76 -0.22
CA PHE A 18 -1.47 -5.62 0.66
C PHE A 18 -2.60 -5.80 1.66
N SER A 19 -3.80 -6.15 1.16
CA SER A 19 -5.03 -6.27 1.92
C SER A 19 -4.92 -7.35 3.01
N ALA A 20 -4.16 -8.42 2.73
CA ALA A 20 -3.97 -9.53 3.65
C ALA A 20 -3.35 -9.10 5.00
N LEU A 21 -2.58 -8.00 5.01
CA LEU A 21 -1.92 -7.55 6.24
C LEU A 21 -2.94 -6.86 7.16
N PRO A 22 -2.68 -6.77 8.47
CA PRO A 22 -3.47 -5.93 9.37
C PRO A 22 -3.46 -4.48 8.90
N ARG A 23 -4.63 -3.84 9.00
CA ARG A 23 -4.92 -2.48 8.58
C ARG A 23 -3.85 -1.48 8.98
N TRP A 24 -3.41 -1.54 10.24
CA TRP A 24 -2.46 -0.58 10.77
C TRP A 24 -1.14 -0.66 9.99
N LYS A 25 -0.67 -1.89 9.76
CA LYS A 25 0.61 -2.16 9.12
C LYS A 25 0.55 -1.72 7.68
N GLN A 26 -0.46 -2.26 6.98
CA GLN A 26 -0.83 -2.00 5.61
C GLN A 26 -0.71 -0.52 5.28
N GLN A 27 -1.37 0.33 6.07
CA GLN A 27 -1.43 1.75 5.83
C GLN A 27 -0.06 2.37 6.15
N ASN A 28 0.58 1.91 7.24
CA ASN A 28 1.89 2.37 7.65
C ASN A 28 2.92 2.21 6.53
N LEU A 29 2.85 1.13 5.74
CA LEU A 29 3.72 0.92 4.58
C LEU A 29 3.67 2.16 3.66
N LYS A 30 2.46 2.52 3.24
CA LYS A 30 2.19 3.56 2.27
C LYS A 30 2.57 4.93 2.85
N LYS A 31 2.33 5.10 4.15
CA LYS A 31 2.63 6.30 4.92
C LYS A 31 4.14 6.56 4.98
N GLU A 32 4.94 5.55 5.34
CA GLU A 32 6.39 5.70 5.41
C GLU A 32 6.96 6.03 4.04
N LYS A 33 6.43 5.42 2.97
CA LYS A 33 6.78 5.73 1.59
C LYS A 33 6.28 7.12 1.16
N GLY A 34 5.29 7.69 1.87
CA GLY A 34 4.86 9.07 1.70
C GLY A 34 3.69 9.24 0.74
N LEU A 35 2.98 8.15 0.42
CA LEU A 35 1.79 8.17 -0.41
C LEU A 35 0.55 8.25 0.49
N PHE A 36 0.54 7.40 1.53
CA PHE A 36 -0.41 7.40 2.66
C PHE A 36 -1.71 6.69 2.31
N LEU A 2 -5.93 7.64 -3.73
CA LEU A 2 -5.13 7.41 -4.92
C LEU A 2 -5.87 6.46 -5.87
N SER A 3 -5.32 6.26 -7.08
CA SER A 3 -5.78 5.23 -8.00
C SER A 3 -5.08 3.92 -7.65
N ILE A 4 -5.78 2.79 -7.84
CA ILE A 4 -5.22 1.46 -7.67
C ILE A 4 -3.93 1.32 -8.49
N GLU A 5 -3.88 1.96 -9.67
CA GLU A 5 -2.72 1.96 -10.53
C GLU A 5 -1.52 2.66 -9.88
N ASP A 6 -1.73 3.88 -9.36
CA ASP A 6 -0.69 4.61 -8.64
C ASP A 6 -0.15 3.77 -7.48
N PHE A 7 -1.04 3.18 -6.69
CA PHE A 7 -0.68 2.31 -5.58
C PHE A 7 0.29 1.21 -6.04
N THR A 8 -0.14 0.36 -6.99
CA THR A 8 0.63 -0.78 -7.45
C THR A 8 1.98 -0.36 -8.05
N GLN A 9 2.00 0.69 -8.87
CA GLN A 9 3.20 1.18 -9.52
C GLN A 9 4.22 1.67 -8.48
N ALA A 10 3.78 2.53 -7.57
CA ALA A 10 4.64 3.17 -6.60
C ALA A 10 5.20 2.17 -5.58
N PHE A 11 4.43 1.13 -5.22
CA PHE A 11 4.89 0.10 -4.30
C PHE A 11 5.75 -0.94 -5.00
N GLY A 12 5.30 -1.39 -6.18
CA GLY A 12 5.87 -2.54 -6.86
C GLY A 12 5.33 -3.84 -6.26
N MET A 13 4.11 -3.81 -5.69
CA MET A 13 3.47 -4.93 -5.00
C MET A 13 1.98 -4.96 -5.33
N THR A 14 1.37 -6.11 -5.03
CA THR A 14 -0.04 -6.40 -5.24
C THR A 14 -0.91 -5.92 -4.08
N PRO A 15 -2.15 -5.48 -4.36
CA PRO A 15 -3.15 -5.21 -3.35
C PRO A 15 -3.40 -6.45 -2.48
N ALA A 16 -3.29 -7.66 -3.07
CA ALA A 16 -3.59 -8.89 -2.35
C ALA A 16 -2.55 -9.15 -1.26
N ALA A 17 -1.26 -9.00 -1.60
CA ALA A 17 -0.17 -9.05 -0.64
C ALA A 17 -0.39 -8.04 0.48
N PHE A 18 -0.86 -6.84 0.12
CA PHE A 18 -1.15 -5.78 1.06
C PHE A 18 -2.27 -6.19 2.01
N SER A 19 -3.36 -6.73 1.46
CA SER A 19 -4.58 -7.07 2.18
C SER A 19 -4.34 -8.12 3.26
N ALA A 20 -3.38 -9.03 3.02
CA ALA A 20 -3.00 -10.06 3.97
C ALA A 20 -2.59 -9.48 5.33
N LEU A 21 -2.02 -8.26 5.35
CA LEU A 21 -1.55 -7.65 6.59
C LEU A 21 -2.73 -6.98 7.32
N PRO A 22 -2.65 -6.79 8.65
CA PRO A 22 -3.60 -5.96 9.37
C PRO A 22 -3.61 -4.53 8.84
N ARG A 23 -4.81 -3.94 8.79
CA ARG A 23 -5.12 -2.60 8.31
C ARG A 23 -4.15 -1.55 8.81
N TRP A 24 -3.86 -1.57 10.11
CA TRP A 24 -3.03 -0.54 10.72
C TRP A 24 -1.64 -0.53 10.10
N LYS A 25 -1.07 -1.73 9.93
CA LYS A 25 0.28 -1.90 9.42
C LYS A 25 0.31 -1.51 7.96
N GLN A 26 -0.56 -2.13 7.19
CA GLN A 26 -0.80 -1.95 5.77
C GLN A 26 -0.77 -0.47 5.39
N GLN A 27 -1.57 0.37 6.07
CA GLN A 27 -1.66 1.78 5.76
C GLN A 27 -0.40 2.51 6.20
N ASN A 28 0.21 2.10 7.33
CA ASN A 28 1.45 2.67 7.80
C ASN A 28 2.59 2.44 6.80
N LEU A 29 2.63 1.29 6.10
CA LEU A 29 3.64 1.03 5.07
C LEU A 29 3.63 2.15 4.03
N LYS A 30 2.43 2.43 3.51
CA LYS A 30 2.17 3.39 2.44
C LYS A 30 2.65 4.78 2.84
N LYS A 31 2.44 5.15 4.11
CA LYS A 31 2.80 6.43 4.66
C LYS A 31 4.31 6.53 4.90
N GLU A 32 4.90 5.51 5.54
CA GLU A 32 6.34 5.40 5.79
C GLU A 32 7.13 5.50 4.49
N LYS A 33 6.70 4.78 3.46
CA LYS A 33 7.32 4.77 2.14
C LYS A 33 7.23 6.13 1.45
N GLY A 34 6.37 7.03 1.93
CA GLY A 34 6.16 8.34 1.33
C GLY A 34 5.25 8.28 0.11
N LEU A 35 4.50 7.18 -0.05
CA LEU A 35 3.55 7.00 -1.13
C LEU A 35 2.31 7.83 -0.80
N PHE A 36 1.69 7.54 0.34
CA PHE A 36 0.57 8.32 0.87
C PHE A 36 0.39 7.99 2.36
N LEU A 2 -5.13 7.73 -4.57
CA LEU A 2 -4.51 6.41 -4.48
C LEU A 2 -5.48 5.36 -5.05
N SER A 3 -5.41 5.16 -6.36
CA SER A 3 -6.08 4.06 -7.05
C SER A 3 -5.26 2.79 -6.88
N ILE A 4 -5.84 1.64 -7.23
CA ILE A 4 -5.15 0.36 -7.24
C ILE A 4 -3.93 0.44 -8.18
N GLU A 5 -4.07 1.16 -9.29
CA GLU A 5 -3.01 1.36 -10.27
C GLU A 5 -1.88 2.20 -9.67
N ASP A 6 -2.23 3.35 -9.06
CA ASP A 6 -1.26 4.21 -8.40
C ASP A 6 -0.51 3.43 -7.31
N PHE A 7 -1.23 2.60 -6.53
CA PHE A 7 -0.66 1.76 -5.50
C PHE A 7 0.43 0.85 -6.07
N THR A 8 0.09 -0.01 -7.04
CA THR A 8 1.00 -0.98 -7.62
C THR A 8 2.24 -0.29 -8.20
N GLN A 9 2.06 0.81 -8.94
CA GLN A 9 3.16 1.54 -9.56
C GLN A 9 4.06 2.20 -8.50
N ALA A 10 3.46 2.81 -7.47
CA ALA A 10 4.19 3.57 -6.46
C ALA A 10 5.00 2.66 -5.54
N PHE A 11 4.49 1.47 -5.23
CA PHE A 11 5.11 0.52 -4.33
C PHE A 11 5.96 -0.50 -5.07
N GLY A 12 5.34 -1.15 -6.06
CA GLY A 12 5.91 -2.30 -6.75
C GLY A 12 5.40 -3.62 -6.14
N MET A 13 4.21 -3.63 -5.54
CA MET A 13 3.58 -4.84 -4.99
C MET A 13 2.09 -4.87 -5.29
N THR A 14 1.52 -6.08 -5.28
CA THR A 14 0.09 -6.30 -5.41
C THR A 14 -0.68 -5.76 -4.20
N PRO A 15 -1.88 -5.20 -4.44
CA PRO A 15 -2.79 -4.82 -3.38
C PRO A 15 -3.37 -6.05 -2.68
N ALA A 16 -3.32 -7.24 -3.32
CA ALA A 16 -3.77 -8.47 -2.66
C ALA A 16 -2.79 -8.82 -1.53
N ALA A 17 -1.49 -8.78 -1.83
CA ALA A 17 -0.45 -8.96 -0.83
C ALA A 17 -0.60 -7.94 0.30
N PHE A 18 -0.82 -6.67 -0.09
CA PHE A 18 -0.95 -5.56 0.85
C PHE A 18 -2.14 -5.77 1.78
N SER A 19 -3.30 -6.15 1.21
CA SER A 19 -4.59 -6.21 1.90
C SER A 19 -4.59 -7.24 3.02
N ALA A 20 -3.80 -8.31 2.86
CA ALA A 20 -3.68 -9.39 3.82
C ALA A 20 -3.19 -8.90 5.20
N LEU A 21 -2.41 -7.81 5.25
CA LEU A 21 -1.89 -7.32 6.51
C LEU A 21 -3.00 -6.63 7.31
N PRO A 22 -2.86 -6.47 8.64
CA PRO A 22 -3.75 -5.63 9.42
C PRO A 22 -3.73 -4.21 8.86
N ARG A 23 -4.90 -3.59 8.80
CA ARG A 23 -5.14 -2.31 8.15
C ARG A 23 -4.21 -1.21 8.66
N TRP A 24 -3.91 -1.22 9.97
CA TRP A 24 -3.03 -0.21 10.56
C TRP A 24 -1.64 -0.28 9.94
N LYS A 25 -1.10 -1.50 9.82
CA LYS A 25 0.26 -1.74 9.38
C LYS A 25 0.39 -1.33 7.93
N GLN A 26 -0.47 -1.95 7.12
CA GLN A 26 -0.72 -1.71 5.72
C GLN A 26 -0.59 -0.22 5.36
N GLN A 27 -1.38 0.64 6.02
CA GLN A 27 -1.40 2.05 5.69
C GLN A 27 -0.13 2.74 6.21
N ASN A 28 0.40 2.30 7.36
CA ASN A 28 1.66 2.79 7.88
C ASN A 28 2.82 2.51 6.92
N LEU A 29 2.81 1.37 6.20
CA LEU A 29 3.82 1.09 5.18
C LEU A 29 3.90 2.23 4.17
N LYS A 30 2.73 2.60 3.63
CA LYS A 30 2.57 3.58 2.58
C LYS A 30 2.99 4.98 3.08
N LYS A 31 2.67 5.29 4.33
CA LYS A 31 3.03 6.54 4.98
C LYS A 31 4.54 6.63 5.19
N GLU A 32 5.16 5.59 5.75
CA GLU A 32 6.59 5.49 5.98
C GLU A 32 7.37 5.64 4.67
N LYS A 33 6.89 4.99 3.60
CA LYS A 33 7.49 5.08 2.28
C LYS A 33 7.41 6.50 1.69
N GLY A 34 6.50 7.34 2.22
CA GLY A 34 6.33 8.71 1.79
C GLY A 34 5.33 8.84 0.64
N LEU A 35 4.52 7.81 0.39
CA LEU A 35 3.44 7.86 -0.59
C LEU A 35 2.27 8.62 0.04
N PHE A 36 1.60 8.01 1.02
CA PHE A 36 0.56 8.64 1.82
C PHE A 36 0.28 7.78 3.06
N LEU A 2 -4.44 8.16 -4.58
CA LEU A 2 -4.07 6.75 -4.52
C LEU A 2 -5.11 5.93 -5.27
N SER A 3 -4.91 5.79 -6.59
CA SER A 3 -5.68 4.87 -7.42
C SER A 3 -5.11 3.46 -7.28
N ILE A 4 -5.81 2.48 -7.85
CA ILE A 4 -5.39 1.09 -7.89
C ILE A 4 -4.03 1.00 -8.60
N GLU A 5 -3.88 1.74 -9.71
CA GLU A 5 -2.66 1.79 -10.49
C GLU A 5 -1.54 2.49 -9.72
N ASP A 6 -1.85 3.62 -9.07
CA ASP A 6 -0.87 4.35 -8.26
C ASP A 6 -0.30 3.44 -7.19
N PHE A 7 -1.15 2.68 -6.49
CA PHE A 7 -0.73 1.77 -5.44
C PHE A 7 0.34 0.78 -5.95
N THR A 8 -0.01 -0.02 -6.97
CA THR A 8 0.84 -1.07 -7.51
C THR A 8 2.15 -0.48 -8.04
N GLN A 9 2.08 0.64 -8.79
CA GLN A 9 3.25 1.31 -9.34
C GLN A 9 4.17 1.82 -8.23
N ALA A 10 3.61 2.41 -7.16
CA ALA A 10 4.36 3.05 -6.10
C ALA A 10 5.12 2.06 -5.21
N PHE A 11 4.71 0.79 -5.21
CA PHE A 11 5.21 -0.20 -4.26
C PHE A 11 5.91 -1.34 -5.01
N GLY A 12 5.31 -1.80 -6.10
CA GLY A 12 5.73 -2.98 -6.83
C GLY A 12 5.07 -4.25 -6.26
N MET A 13 3.88 -4.13 -5.66
CA MET A 13 3.16 -5.25 -5.06
C MET A 13 1.67 -5.19 -5.34
N THR A 14 0.99 -6.33 -5.21
CA THR A 14 -0.45 -6.44 -5.31
C THR A 14 -1.14 -5.82 -4.09
N PRO A 15 -2.31 -5.17 -4.30
CA PRO A 15 -3.15 -4.69 -3.23
C PRO A 15 -3.78 -5.86 -2.45
N ALA A 16 -3.81 -7.07 -3.03
CA ALA A 16 -4.30 -8.24 -2.30
C ALA A 16 -3.28 -8.64 -1.23
N ALA A 17 -1.99 -8.69 -1.60
CA ALA A 17 -0.90 -8.92 -0.66
C ALA A 17 -0.89 -7.84 0.43
N PHE A 18 -1.13 -6.59 0.02
CA PHE A 18 -1.23 -5.47 0.95
C PHE A 18 -2.38 -5.70 1.93
N SER A 19 -3.57 -6.05 1.40
CA SER A 19 -4.81 -6.24 2.15
C SER A 19 -4.65 -7.32 3.22
N ALA A 20 -3.89 -8.38 2.91
CA ALA A 20 -3.64 -9.48 3.83
C ALA A 20 -3.01 -9.03 5.16
N LEU A 21 -2.25 -7.92 5.17
CA LEU A 21 -1.65 -7.42 6.39
C LEU A 21 -2.73 -6.73 7.24
N PRO A 22 -2.56 -6.63 8.58
CA PRO A 22 -3.41 -5.79 9.41
C PRO A 22 -3.38 -4.35 8.90
N ARG A 23 -4.56 -3.72 8.90
CA ARG A 23 -4.81 -2.39 8.37
C ARG A 23 -3.82 -1.34 8.88
N TRP A 24 -3.47 -1.40 10.16
CA TRP A 24 -2.56 -0.42 10.73
C TRP A 24 -1.20 -0.47 10.03
N LYS A 25 -0.68 -1.69 9.83
CA LYS A 25 0.64 -1.94 9.29
C LYS A 25 0.68 -1.51 7.84
N GLN A 26 -0.23 -2.10 7.06
CA GLN A 26 -0.57 -1.81 5.70
C GLN A 26 -0.46 -0.31 5.41
N GLN A 27 -1.17 0.52 6.17
CA GLN A 27 -1.23 1.94 5.94
C GLN A 27 0.11 2.58 6.36
N ASN A 28 0.66 2.15 7.51
CA ASN A 28 1.96 2.57 8.00
C ASN A 28 3.07 2.39 6.95
N LEU A 29 3.03 1.33 6.13
CA LEU A 29 3.99 1.14 5.03
C LEU A 29 3.99 2.39 4.12
N LYS A 30 2.81 2.71 3.61
CA LYS A 30 2.55 3.75 2.61
C LYS A 30 2.80 5.14 3.21
N LYS A 31 2.48 5.32 4.49
CA LYS A 31 2.63 6.58 5.22
C LYS A 31 4.09 6.88 5.54
N GLU A 32 4.84 5.88 6.03
CA GLU A 32 6.28 6.03 6.30
C GLU A 32 7.04 6.31 5.00
N LYS A 33 6.65 5.65 3.90
CA LYS A 33 7.18 5.94 2.58
C LYS A 33 6.82 7.36 2.11
N GLY A 34 5.81 7.99 2.71
CA GLY A 34 5.41 9.36 2.37
C GLY A 34 4.55 9.42 1.12
N LEU A 35 3.97 8.29 0.70
CA LEU A 35 3.10 8.22 -0.47
C LEU A 35 1.76 8.87 -0.11
N PHE A 36 0.99 8.20 0.77
CA PHE A 36 -0.32 8.61 1.22
C PHE A 36 -0.58 8.07 2.62
#